data_1RJT
#
_entry.id   1RJT
#
_entity_poly.entity_id   1
_entity_poly.type   'polypeptide(L)'
_entity_poly.pdbx_seq_one_letter_code
;FPMFKRGRCLCIGPGVKAVKVADIEKASIMYPSNNCDKIEVIITLKENKGQRCLNPKSKQARLIIKKVERKNF
;
_entity_poly.pdbx_strand_id   A
#
# COMPACT_ATOMS: atom_id res chain seq x y z
N PHE A 1 13.80 -15.23 -19.43
CA PHE A 1 15.06 -14.58 -19.01
C PHE A 1 15.11 -14.50 -17.49
N PRO A 2 16.31 -14.57 -16.90
CA PRO A 2 16.50 -14.47 -15.48
C PRO A 2 16.70 -13.01 -15.01
N MET A 3 15.60 -12.31 -14.80
CA MET A 3 15.65 -10.96 -14.26
C MET A 3 15.83 -11.03 -12.76
N PHE A 4 14.87 -11.68 -12.11
CA PHE A 4 14.89 -11.92 -10.67
C PHE A 4 14.88 -10.62 -9.87
N LYS A 5 13.72 -10.23 -9.37
CA LYS A 5 13.62 -9.12 -8.45
C LYS A 5 14.24 -9.54 -7.12
N ARG A 6 15.38 -8.94 -6.77
CA ARG A 6 16.12 -9.36 -5.59
C ARG A 6 15.34 -9.04 -4.32
N GLY A 7 14.58 -7.94 -4.35
CA GLY A 7 13.79 -7.56 -3.20
C GLY A 7 12.50 -8.34 -3.13
N ARG A 8 12.32 -9.09 -2.06
CA ARG A 8 11.10 -9.88 -1.87
C ARG A 8 9.99 -8.96 -1.37
N CYS A 9 10.39 -7.83 -0.81
CA CYS A 9 9.46 -6.79 -0.42
C CYS A 9 9.60 -5.59 -1.35
N LEU A 10 9.40 -5.86 -2.63
CA LEU A 10 9.49 -4.85 -3.67
C LEU A 10 8.16 -4.75 -4.39
N CYS A 11 7.84 -3.56 -4.87
CA CYS A 11 6.57 -3.31 -5.51
C CYS A 11 6.73 -2.22 -6.54
N ILE A 12 5.89 -2.25 -7.56
CA ILE A 12 5.95 -1.27 -8.61
C ILE A 12 4.59 -0.61 -8.79
N GLY A 13 3.56 -1.33 -8.34
CA GLY A 13 2.22 -0.80 -8.37
C GLY A 13 1.28 -1.69 -9.14
N PRO A 14 0.71 -2.66 -8.43
CA PRO A 14 -0.26 -3.61 -8.95
C PRO A 14 -1.69 -3.06 -8.92
N GLY A 15 -1.80 -1.77 -9.16
CA GLY A 15 -3.06 -1.08 -9.03
C GLY A 15 -3.26 -0.01 -10.08
N VAL A 16 -3.93 1.09 -9.71
CA VAL A 16 -4.24 2.14 -10.67
C VAL A 16 -3.67 3.49 -10.19
N LYS A 17 -4.52 4.52 -10.07
CA LYS A 17 -4.10 5.85 -9.70
C LYS A 17 -5.31 6.76 -9.58
N ALA A 18 -5.65 7.15 -8.35
CA ALA A 18 -6.73 8.09 -8.09
C ALA A 18 -8.09 7.47 -8.38
N VAL A 19 -8.71 6.96 -7.33
CA VAL A 19 -9.98 6.25 -7.44
C VAL A 19 -10.98 6.79 -6.42
N LYS A 20 -11.96 5.97 -6.04
CA LYS A 20 -12.87 6.33 -4.98
C LYS A 20 -12.11 6.32 -3.67
N VAL A 21 -11.59 7.49 -3.28
CA VAL A 21 -10.69 7.61 -2.14
C VAL A 21 -11.42 7.46 -0.81
N ALA A 22 -11.96 6.26 -0.63
CA ALA A 22 -12.72 5.88 0.55
C ALA A 22 -13.17 4.43 0.41
N ASP A 23 -13.28 4.01 -0.85
CA ASP A 23 -13.57 2.62 -1.20
C ASP A 23 -12.29 1.88 -1.53
N ILE A 24 -11.51 2.49 -2.40
CA ILE A 24 -10.21 2.01 -2.80
C ILE A 24 -9.23 3.14 -2.67
N GLU A 25 -7.97 2.79 -2.67
CA GLU A 25 -6.90 3.71 -2.42
C GLU A 25 -7.00 4.11 -0.95
N LYS A 26 -6.62 3.13 -0.16
CA LYS A 26 -6.67 3.19 1.29
C LYS A 26 -5.59 2.28 1.84
N ALA A 27 -4.42 2.85 2.10
CA ALA A 27 -3.34 2.08 2.66
C ALA A 27 -3.38 2.08 4.17
N SER A 28 -3.59 0.91 4.73
CA SER A 28 -3.63 0.77 6.17
C SER A 28 -2.74 -0.36 6.64
N ILE A 29 -1.45 -0.17 6.52
CA ILE A 29 -0.50 -1.05 7.16
C ILE A 29 0.85 -0.35 7.20
N MET A 30 1.71 -0.79 8.08
CA MET A 30 3.08 -0.35 8.05
C MET A 30 3.96 -1.52 8.46
N TYR A 31 4.19 -2.42 7.52
CA TYR A 31 4.74 -3.73 7.87
C TYR A 31 5.73 -4.21 6.82
N PRO A 32 6.77 -4.92 7.28
CA PRO A 32 7.80 -5.57 6.44
C PRO A 32 7.27 -6.56 5.39
N SER A 33 6.00 -6.45 5.01
CA SER A 33 5.37 -7.42 4.13
C SER A 33 5.49 -8.84 4.73
N ASN A 34 5.85 -8.87 6.02
CA ASN A 34 6.07 -10.11 6.77
C ASN A 34 7.13 -10.97 6.09
N ASN A 35 8.28 -10.37 5.77
CA ASN A 35 9.42 -11.11 5.25
C ASN A 35 10.67 -10.26 5.34
N CYS A 36 10.56 -9.12 5.99
CA CYS A 36 11.56 -8.09 5.81
C CYS A 36 11.83 -7.29 7.08
N ASP A 37 12.64 -6.26 6.91
CA ASP A 37 13.01 -5.36 8.00
C ASP A 37 12.53 -3.96 7.69
N LYS A 38 11.97 -3.84 6.49
CA LYS A 38 11.42 -2.59 5.99
C LYS A 38 9.96 -2.54 6.34
N ILE A 39 9.32 -1.41 6.19
CA ILE A 39 7.91 -1.30 6.52
C ILE A 39 7.13 -0.54 5.43
N GLU A 40 6.16 -1.22 4.83
CA GLU A 40 5.36 -0.62 3.76
C GLU A 40 3.87 -0.71 4.00
N VAL A 41 3.16 0.10 3.23
CA VAL A 41 1.71 0.21 3.27
C VAL A 41 1.04 -0.70 2.23
N ILE A 42 -0.25 -0.99 2.42
CA ILE A 42 -1.02 -1.71 1.42
C ILE A 42 -2.20 -0.86 1.01
N ILE A 43 -2.08 -0.21 -0.13
CA ILE A 43 -3.19 0.55 -0.63
C ILE A 43 -4.04 -0.35 -1.48
N THR A 44 -5.31 -0.43 -1.18
CA THR A 44 -6.17 -1.09 -2.12
C THR A 44 -6.74 -0.07 -3.07
N LEU A 45 -5.93 0.37 -4.02
CA LEU A 45 -6.30 1.40 -4.93
C LEU A 45 -6.58 0.73 -6.27
N LYS A 46 -7.84 0.52 -6.51
CA LYS A 46 -8.22 -0.29 -7.64
C LYS A 46 -9.59 0.11 -8.17
N GLU A 47 -10.06 -0.60 -9.18
CA GLU A 47 -11.42 -0.43 -9.66
C GLU A 47 -12.39 -1.07 -8.68
N ASN A 48 -11.93 -2.15 -8.04
CA ASN A 48 -12.70 -2.82 -7.01
C ASN A 48 -11.84 -3.14 -5.79
N LYS A 49 -10.73 -3.85 -6.03
CA LYS A 49 -9.82 -4.24 -4.95
C LYS A 49 -8.49 -4.70 -5.54
N GLY A 50 -7.39 -4.27 -4.94
CA GLY A 50 -6.09 -4.64 -5.45
C GLY A 50 -5.00 -3.99 -4.64
N GLN A 51 -3.81 -4.54 -4.65
CA GLN A 51 -2.75 -4.03 -3.78
C GLN A 51 -1.98 -2.90 -4.43
N ARG A 52 -1.43 -2.07 -3.56
CA ARG A 52 -0.59 -0.97 -3.94
C ARG A 52 0.41 -0.71 -2.83
N CYS A 53 1.47 -1.47 -2.83
CA CYS A 53 2.48 -1.30 -1.81
C CYS A 53 3.50 -0.26 -2.27
N LEU A 54 3.22 0.99 -1.97
CA LEU A 54 4.09 2.08 -2.39
C LEU A 54 5.06 2.42 -1.29
N ASN A 55 6.34 2.22 -1.57
CA ASN A 55 7.38 2.41 -0.58
C ASN A 55 8.73 2.68 -1.24
N PRO A 56 9.17 1.85 -2.22
CA PRO A 56 10.44 2.07 -2.92
C PRO A 56 10.54 3.46 -3.54
N LYS A 57 11.41 4.29 -2.96
CA LYS A 57 11.63 5.67 -3.38
C LYS A 57 10.46 6.56 -2.96
N SER A 58 9.33 6.41 -3.62
CA SER A 58 8.17 7.22 -3.33
C SER A 58 7.11 6.40 -2.62
N LYS A 59 6.58 6.94 -1.53
CA LYS A 59 5.54 6.27 -0.77
C LYS A 59 4.18 6.85 -1.14
N GLN A 60 4.07 8.17 -0.96
CA GLN A 60 2.84 8.93 -1.27
C GLN A 60 1.68 8.53 -0.34
N ALA A 61 1.86 7.45 0.41
CA ALA A 61 0.85 7.02 1.37
C ALA A 61 0.71 8.05 2.47
N ARG A 62 1.71 8.92 2.54
CA ARG A 62 1.69 10.06 3.46
C ARG A 62 0.49 10.95 3.15
N LEU A 63 0.24 11.15 1.87
CA LEU A 63 -0.89 11.95 1.43
C LEU A 63 -2.16 11.14 1.46
N ILE A 64 -2.03 9.87 1.09
CA ILE A 64 -3.18 8.98 1.06
C ILE A 64 -3.67 8.69 2.48
N ILE A 65 -2.88 9.09 3.47
CA ILE A 65 -3.26 8.95 4.86
C ILE A 65 -4.54 9.71 5.13
N LYS A 66 -4.66 10.88 4.54
CA LYS A 66 -5.85 11.69 4.74
C LYS A 66 -6.98 11.16 3.88
N LYS A 67 -6.66 10.17 3.05
CA LYS A 67 -7.65 9.55 2.18
C LYS A 67 -8.22 8.34 2.88
N VAL A 68 -7.33 7.54 3.48
CA VAL A 68 -7.75 6.37 4.23
C VAL A 68 -8.44 6.81 5.51
N GLU A 69 -8.13 8.03 5.94
CA GLU A 69 -8.65 8.58 7.17
C GLU A 69 -10.04 9.21 6.94
N ARG A 70 -10.46 9.26 5.69
CA ARG A 70 -11.77 9.79 5.36
C ARG A 70 -12.87 8.78 5.68
N LYS A 71 -13.56 9.02 6.79
CA LYS A 71 -14.63 8.14 7.25
C LYS A 71 -14.11 6.76 7.63
N ASN A 72 -15.03 5.88 8.00
CA ASN A 72 -14.69 4.51 8.36
C ASN A 72 -15.91 3.61 8.18
N PHE A 73 -15.70 2.44 7.61
CA PHE A 73 -16.77 1.49 7.40
C PHE A 73 -16.84 0.54 8.58
N PHE A 1 11.01 -21.24 -1.63
CA PHE A 1 11.77 -20.69 -0.49
C PHE A 1 12.07 -19.21 -0.71
N PRO A 2 11.55 -18.35 0.17
CA PRO A 2 11.76 -16.90 0.08
C PRO A 2 13.24 -16.54 0.16
N MET A 3 13.73 -15.87 -0.88
CA MET A 3 15.11 -15.42 -0.92
C MET A 3 15.39 -14.49 0.26
N PHE A 4 16.38 -14.85 1.06
CA PHE A 4 16.68 -14.11 2.29
C PHE A 4 17.44 -12.83 1.96
N LYS A 5 16.76 -11.92 1.26
CA LYS A 5 17.30 -10.62 0.91
C LYS A 5 16.17 -9.60 0.94
N ARG A 6 15.34 -9.63 -0.09
CA ARG A 6 14.15 -8.79 -0.17
C ARG A 6 12.95 -9.68 -0.50
N GLY A 7 12.24 -10.10 0.54
CA GLY A 7 11.24 -11.12 0.36
C GLY A 7 9.81 -10.62 0.35
N ARG A 8 9.29 -10.30 1.53
CA ARG A 8 7.86 -10.03 1.69
C ARG A 8 7.58 -8.53 1.75
N CYS A 9 8.62 -7.72 1.70
CA CYS A 9 8.46 -6.28 1.87
C CYS A 9 8.62 -5.51 0.57
N LEU A 10 8.22 -6.13 -0.55
CA LEU A 10 8.29 -5.46 -1.84
C LEU A 10 7.28 -6.05 -2.81
N CYS A 11 6.39 -5.20 -3.32
CA CYS A 11 5.50 -5.60 -4.39
C CYS A 11 5.93 -4.94 -5.69
N ILE A 12 5.63 -3.64 -5.83
CA ILE A 12 5.91 -2.90 -7.05
C ILE A 12 4.99 -3.37 -8.18
N GLY A 13 4.16 -2.46 -8.67
CA GLY A 13 3.16 -2.87 -9.63
C GLY A 13 2.00 -1.90 -9.74
N PRO A 14 1.24 -1.78 -8.66
CA PRO A 14 0.05 -0.94 -8.58
C PRO A 14 0.41 0.51 -8.32
N GLY A 15 1.48 0.98 -8.93
CA GLY A 15 1.95 2.32 -8.68
C GLY A 15 1.09 3.36 -9.38
N VAL A 16 -0.18 3.44 -9.02
CA VAL A 16 -1.13 4.30 -9.71
C VAL A 16 -1.61 5.43 -8.81
N LYS A 17 -2.79 5.98 -9.14
CA LYS A 17 -3.43 7.04 -8.36
C LYS A 17 -4.78 7.35 -8.99
N ALA A 18 -5.84 6.73 -8.47
CA ALA A 18 -7.16 6.84 -9.08
C ALA A 18 -8.26 6.45 -8.09
N VAL A 19 -9.41 6.00 -8.63
CA VAL A 19 -10.53 5.43 -7.86
C VAL A 19 -10.99 6.31 -6.67
N LYS A 20 -11.77 5.72 -5.78
CA LYS A 20 -12.39 6.44 -4.69
C LYS A 20 -11.56 6.36 -3.41
N VAL A 21 -10.94 7.47 -3.03
CA VAL A 21 -9.98 7.54 -1.91
C VAL A 21 -10.66 7.47 -0.54
N ALA A 22 -11.67 6.64 -0.48
CA ALA A 22 -12.35 6.30 0.76
C ALA A 22 -12.91 4.90 0.64
N ASP A 23 -13.48 4.63 -0.54
CA ASP A 23 -14.04 3.32 -0.88
C ASP A 23 -12.91 2.30 -1.01
N ILE A 24 -12.01 2.55 -1.93
CA ILE A 24 -10.86 1.69 -2.17
C ILE A 24 -9.70 2.50 -2.66
N GLU A 25 -8.52 1.99 -2.43
CA GLU A 25 -7.31 2.77 -2.47
C GLU A 25 -7.30 3.73 -1.31
N LYS A 26 -7.03 3.12 -0.19
CA LYS A 26 -6.80 3.78 1.06
C LYS A 26 -5.90 2.85 1.86
N ALA A 27 -4.68 3.27 2.09
CA ALA A 27 -3.65 2.40 2.62
C ALA A 27 -3.67 2.36 4.13
N SER A 28 -3.83 1.17 4.64
CA SER A 28 -3.94 0.96 6.07
C SER A 28 -2.85 0.06 6.61
N ILE A 29 -1.62 0.53 6.59
CA ILE A 29 -0.57 -0.04 7.39
C ILE A 29 0.59 0.94 7.43
N MET A 30 1.48 0.79 8.38
CA MET A 30 2.78 1.43 8.28
C MET A 30 3.81 0.60 9.02
N TYR A 31 4.20 -0.50 8.39
CA TYR A 31 5.16 -1.43 8.94
C TYR A 31 5.91 -2.12 7.80
N PRO A 32 7.14 -2.58 8.06
CA PRO A 32 8.02 -3.26 7.08
C PRO A 32 7.45 -4.50 6.39
N SER A 33 6.13 -4.67 6.42
CA SER A 33 5.50 -5.91 5.98
C SER A 33 6.00 -7.05 6.88
N ASN A 34 6.64 -6.63 7.98
CA ASN A 34 7.24 -7.54 8.95
C ASN A 34 8.26 -8.45 8.31
N ASN A 35 9.05 -7.92 7.38
CA ASN A 35 10.10 -8.69 6.73
C ASN A 35 11.24 -7.77 6.33
N CYS A 36 11.23 -6.57 6.89
CA CYS A 36 12.11 -5.52 6.39
C CYS A 36 12.43 -4.46 7.45
N ASP A 37 13.10 -3.41 7.02
CA ASP A 37 13.38 -2.24 7.86
C ASP A 37 12.64 -1.03 7.32
N LYS A 38 11.90 -1.26 6.25
CA LYS A 38 11.14 -0.23 5.58
C LYS A 38 9.79 -0.15 6.23
N ILE A 39 9.03 0.87 5.92
CA ILE A 39 7.65 0.87 6.36
C ILE A 39 6.74 0.80 5.14
N GLU A 40 6.14 -0.36 4.98
CA GLU A 40 5.36 -0.72 3.82
C GLU A 40 3.91 -0.29 4.02
N VAL A 41 3.17 -0.15 2.93
CA VAL A 41 1.80 0.30 3.00
C VAL A 41 0.87 -0.66 2.26
N ILE A 42 -0.31 -0.90 2.82
CA ILE A 42 -1.24 -1.84 2.21
C ILE A 42 -2.47 -1.10 1.73
N ILE A 43 -2.53 -0.90 0.44
CA ILE A 43 -3.66 -0.26 -0.19
C ILE A 43 -4.35 -1.25 -1.07
N THR A 44 -5.53 -0.89 -1.45
CA THR A 44 -6.22 -1.53 -2.53
C THR A 44 -6.41 -0.53 -3.64
N LEU A 45 -6.81 -0.98 -4.79
CA LEU A 45 -7.46 -0.13 -5.75
C LEU A 45 -8.53 -0.95 -6.45
N LYS A 46 -9.77 -0.80 -6.03
CA LYS A 46 -10.80 -1.69 -6.55
C LYS A 46 -11.40 -1.13 -7.84
N GLU A 47 -10.55 -1.11 -8.85
CA GLU A 47 -10.93 -0.74 -10.18
C GLU A 47 -11.19 -2.02 -10.97
N ASN A 48 -10.11 -2.62 -11.46
CA ASN A 48 -10.14 -3.96 -12.00
C ASN A 48 -8.99 -4.76 -11.40
N LYS A 49 -8.39 -4.17 -10.38
CA LYS A 49 -7.23 -4.75 -9.70
C LYS A 49 -7.60 -5.09 -8.26
N GLY A 50 -6.62 -5.30 -7.41
CA GLY A 50 -6.90 -5.74 -6.07
C GLY A 50 -6.07 -5.06 -5.01
N GLN A 51 -4.76 -5.01 -5.22
CA GLN A 51 -3.86 -4.59 -4.14
C GLN A 51 -2.92 -3.48 -4.54
N ARG A 52 -2.43 -2.83 -3.50
CA ARG A 52 -1.51 -1.72 -3.63
C ARG A 52 -0.46 -1.76 -2.52
N CYS A 53 0.56 -2.59 -2.68
CA CYS A 53 1.73 -2.47 -1.82
C CYS A 53 2.78 -1.72 -2.62
N LEU A 54 3.14 -0.54 -2.13
CA LEU A 54 3.69 0.48 -3.01
C LEU A 54 5.12 0.89 -2.69
N ASN A 55 5.27 1.79 -1.72
CA ASN A 55 6.47 2.62 -1.59
C ASN A 55 7.75 1.83 -1.35
N PRO A 56 8.64 1.79 -2.35
CA PRO A 56 10.01 1.33 -2.20
C PRO A 56 10.95 2.50 -1.87
N LYS A 57 10.52 3.68 -2.30
CA LYS A 57 11.26 4.93 -2.09
C LYS A 57 10.26 6.08 -2.00
N SER A 58 9.65 6.38 -3.13
CA SER A 58 8.63 7.41 -3.19
C SER A 58 7.30 6.85 -2.67
N LYS A 59 6.48 7.71 -2.09
CA LYS A 59 5.26 7.27 -1.46
C LYS A 59 4.10 8.24 -1.70
N GLN A 60 3.22 7.87 -2.62
CA GLN A 60 1.99 8.64 -2.84
C GLN A 60 1.01 8.34 -1.71
N ALA A 61 1.31 7.27 -0.97
CA ALA A 61 0.49 6.85 0.15
C ALA A 61 0.55 7.86 1.27
N ARG A 62 1.53 8.75 1.20
CA ARG A 62 1.65 9.85 2.15
C ARG A 62 0.41 10.72 2.10
N LEU A 63 -0.12 10.89 0.89
CA LEU A 63 -1.32 11.68 0.67
C LEU A 63 -2.55 10.81 0.85
N ILE A 64 -2.34 9.51 0.85
CA ILE A 64 -3.44 8.57 0.95
C ILE A 64 -3.77 8.26 2.41
N ILE A 65 -2.79 8.44 3.30
CA ILE A 65 -3.01 8.21 4.73
C ILE A 65 -4.12 9.10 5.25
N LYS A 66 -4.06 10.37 4.88
CA LYS A 66 -5.08 11.31 5.30
C LYS A 66 -6.36 11.09 4.48
N LYS A 67 -6.30 10.12 3.58
CA LYS A 67 -7.46 9.72 2.80
C LYS A 67 -8.14 8.56 3.49
N VAL A 68 -7.33 7.60 3.91
CA VAL A 68 -7.82 6.45 4.67
C VAL A 68 -8.44 6.94 5.96
N GLU A 69 -7.86 8.00 6.50
CA GLU A 69 -8.28 8.51 7.79
C GLU A 69 -9.57 9.31 7.67
N ARG A 70 -10.10 9.41 6.44
CA ARG A 70 -11.34 10.12 6.17
C ARG A 70 -12.55 9.30 6.59
N LYS A 71 -12.33 8.03 6.88
CA LYS A 71 -13.43 7.14 7.26
C LYS A 71 -13.03 6.31 8.47
N ASN A 72 -14.02 5.64 9.05
CA ASN A 72 -13.81 4.78 10.21
C ASN A 72 -13.25 3.42 9.76
N PHE A 73 -12.48 2.80 10.64
CA PHE A 73 -11.98 1.46 10.40
C PHE A 73 -12.27 0.60 11.62
N PHE A 1 20.48 -26.68 -5.02
CA PHE A 1 20.75 -25.40 -4.35
C PHE A 1 19.49 -24.54 -4.35
N PRO A 2 19.31 -23.68 -3.35
CA PRO A 2 18.19 -22.74 -3.31
C PRO A 2 18.22 -21.79 -4.50
N MET A 3 17.11 -21.69 -5.21
CA MET A 3 17.05 -20.86 -6.40
C MET A 3 16.54 -19.47 -6.06
N PHE A 4 15.82 -19.38 -4.95
CA PHE A 4 15.33 -18.09 -4.47
C PHE A 4 16.37 -17.45 -3.57
N LYS A 5 16.86 -16.29 -3.97
CA LYS A 5 17.92 -15.60 -3.26
C LYS A 5 17.36 -14.76 -2.13
N ARG A 6 16.42 -13.88 -2.45
CA ARG A 6 15.89 -12.95 -1.48
C ARG A 6 14.52 -12.45 -1.92
N GLY A 7 13.59 -12.40 -0.99
CA GLY A 7 12.24 -11.97 -1.30
C GLY A 7 11.30 -12.13 -0.12
N ARG A 8 10.91 -11.01 0.48
CA ARG A 8 9.99 -11.00 1.60
C ARG A 8 9.25 -9.68 1.67
N CYS A 9 10.01 -8.59 1.73
CA CYS A 9 9.43 -7.27 1.76
C CYS A 9 9.87 -6.49 0.54
N LEU A 10 9.07 -6.56 -0.51
CA LEU A 10 9.30 -5.76 -1.70
C LEU A 10 7.99 -5.38 -2.33
N CYS A 11 7.49 -4.23 -1.95
CA CYS A 11 6.28 -3.70 -2.52
C CYS A 11 6.63 -2.72 -3.62
N ILE A 12 5.77 -2.61 -4.61
CA ILE A 12 6.05 -1.79 -5.76
C ILE A 12 4.75 -1.30 -6.36
N GLY A 13 4.78 -0.19 -7.08
CA GLY A 13 3.55 0.36 -7.63
C GLY A 13 2.87 -0.55 -8.62
N PRO A 14 1.77 -1.15 -8.21
CA PRO A 14 1.01 -2.12 -8.98
C PRO A 14 -0.18 -1.52 -9.70
N GLY A 15 -0.15 -0.22 -9.93
CA GLY A 15 -1.29 0.43 -10.54
C GLY A 15 -1.25 1.94 -10.45
N VAL A 16 -1.19 2.46 -9.22
CA VAL A 16 -1.23 3.91 -9.00
C VAL A 16 -2.56 4.46 -9.56
N LYS A 17 -2.53 5.65 -10.17
CA LYS A 17 -3.72 6.30 -10.74
C LYS A 17 -4.68 6.82 -9.66
N ALA A 18 -4.94 5.98 -8.65
CA ALA A 18 -5.80 6.33 -7.50
C ALA A 18 -7.29 6.33 -7.87
N VAL A 19 -8.09 5.69 -7.03
CA VAL A 19 -9.53 5.58 -7.25
C VAL A 19 -10.30 6.38 -6.20
N LYS A 20 -11.45 5.87 -5.76
CA LYS A 20 -12.25 6.54 -4.75
C LYS A 20 -11.56 6.49 -3.39
N VAL A 21 -10.86 7.56 -3.05
CA VAL A 21 -10.03 7.63 -1.83
C VAL A 21 -10.87 7.63 -0.56
N ALA A 22 -11.53 6.51 -0.34
CA ALA A 22 -12.31 6.25 0.86
C ALA A 22 -12.89 4.85 0.79
N ASP A 23 -13.22 4.43 -0.42
CA ASP A 23 -13.78 3.11 -0.66
C ASP A 23 -12.64 2.11 -0.87
N ILE A 24 -11.79 2.43 -1.83
CA ILE A 24 -10.62 1.65 -2.14
C ILE A 24 -9.51 2.60 -2.51
N GLU A 25 -8.31 2.08 -2.57
CA GLU A 25 -7.13 2.90 -2.53
C GLU A 25 -7.20 3.64 -1.22
N LYS A 26 -6.97 2.86 -0.19
CA LYS A 26 -7.09 3.28 1.18
C LYS A 26 -6.13 2.45 2.01
N ALA A 27 -4.92 2.96 2.14
CA ALA A 27 -3.86 2.22 2.80
C ALA A 27 -3.86 2.45 4.29
N SER A 28 -3.92 1.37 5.03
CA SER A 28 -3.86 1.47 6.47
C SER A 28 -2.84 0.52 7.04
N ILE A 29 -1.60 0.84 6.83
CA ILE A 29 -0.51 0.21 7.53
C ILE A 29 0.71 1.11 7.43
N MET A 30 1.55 1.13 8.46
CA MET A 30 2.82 1.83 8.36
C MET A 30 3.87 1.16 9.24
N TYR A 31 4.38 0.05 8.75
CA TYR A 31 5.38 -0.72 9.47
C TYR A 31 6.31 -1.38 8.46
N PRO A 32 7.56 -1.63 8.85
CA PRO A 32 8.58 -2.25 7.98
C PRO A 32 8.36 -3.74 7.79
N SER A 33 7.10 -4.16 7.73
CA SER A 33 6.73 -5.57 7.68
C SER A 33 7.25 -6.29 8.94
N ASN A 34 7.79 -5.49 9.87
CA ASN A 34 8.24 -5.95 11.18
C ASN A 34 9.48 -6.86 11.07
N ASN A 35 10.22 -6.78 9.98
CA ASN A 35 11.45 -7.56 9.87
C ASN A 35 12.35 -6.97 8.80
N CYS A 36 12.00 -5.79 8.32
CA CYS A 36 12.56 -5.32 7.07
C CYS A 36 13.03 -3.87 7.07
N ASP A 37 12.68 -3.11 8.11
CA ASP A 37 13.14 -1.70 8.24
C ASP A 37 12.50 -0.77 7.20
N LYS A 38 11.92 -1.33 6.16
CA LYS A 38 11.23 -0.55 5.14
C LYS A 38 9.74 -0.56 5.42
N ILE A 39 9.17 0.59 5.67
CA ILE A 39 7.80 0.67 6.13
C ILE A 39 6.83 0.67 4.96
N GLU A 40 6.19 -0.46 4.74
CA GLU A 40 5.36 -0.67 3.57
C GLU A 40 3.93 -0.23 3.84
N VAL A 41 3.19 0.00 2.77
CA VAL A 41 1.81 0.47 2.86
C VAL A 41 0.86 -0.44 2.06
N ILE A 42 -0.27 -0.81 2.68
CA ILE A 42 -1.20 -1.76 2.08
C ILE A 42 -2.44 -1.04 1.57
N ILE A 43 -2.60 -1.02 0.26
CA ILE A 43 -3.72 -0.35 -0.38
C ILE A 43 -4.46 -1.31 -1.28
N THR A 44 -5.66 -0.94 -1.63
CA THR A 44 -6.44 -1.69 -2.60
C THR A 44 -7.07 -0.77 -3.62
N LEU A 45 -6.44 -0.56 -4.75
CA LEU A 45 -7.04 0.30 -5.75
C LEU A 45 -7.99 -0.57 -6.56
N LYS A 46 -9.23 -0.62 -6.10
CA LYS A 46 -10.18 -1.54 -6.67
C LYS A 46 -10.89 -0.91 -7.86
N GLU A 47 -10.45 -1.32 -9.03
CA GLU A 47 -10.89 -0.77 -10.30
C GLU A 47 -10.05 -1.35 -11.41
N ASN A 48 -8.75 -1.11 -11.30
CA ASN A 48 -7.80 -1.56 -12.32
C ASN A 48 -6.92 -2.69 -11.82
N LYS A 49 -6.75 -2.77 -10.50
CA LYS A 49 -5.82 -3.73 -9.92
C LYS A 49 -6.45 -4.52 -8.78
N GLY A 50 -6.81 -3.80 -7.73
CA GLY A 50 -7.30 -4.43 -6.53
C GLY A 50 -6.24 -4.46 -5.44
N GLN A 51 -4.98 -4.39 -5.87
CA GLN A 51 -3.86 -4.47 -4.94
C GLN A 51 -2.94 -3.30 -5.09
N ARG A 52 -2.44 -2.84 -3.96
CA ARG A 52 -1.47 -1.78 -3.92
C ARG A 52 -0.56 -1.96 -2.71
N CYS A 53 0.72 -1.98 -2.94
CA CYS A 53 1.67 -1.97 -1.85
C CYS A 53 2.76 -0.97 -2.19
N LEU A 54 2.85 0.09 -1.40
CA LEU A 54 3.73 1.20 -1.75
C LEU A 54 4.72 1.46 -0.63
N ASN A 55 5.93 1.83 -1.02
CA ASN A 55 7.00 2.08 -0.06
C ASN A 55 7.08 3.58 0.25
N PRO A 56 7.78 3.96 1.33
CA PRO A 56 7.94 5.36 1.71
C PRO A 56 8.84 6.13 0.74
N LYS A 57 9.44 5.42 -0.20
CA LYS A 57 10.31 6.04 -1.18
C LYS A 57 9.49 6.73 -2.27
N SER A 58 8.22 6.34 -2.39
CA SER A 58 7.30 7.03 -3.29
C SER A 58 6.68 8.22 -2.57
N LYS A 59 6.33 8.00 -1.29
CA LYS A 59 5.78 9.05 -0.42
C LYS A 59 4.40 9.50 -0.93
N GLN A 60 3.80 8.70 -1.80
CA GLN A 60 2.53 9.03 -2.40
C GLN A 60 1.37 8.63 -1.49
N ALA A 61 1.42 7.40 -0.99
CA ALA A 61 0.38 6.88 -0.11
C ALA A 61 0.37 7.64 1.20
N ARG A 62 1.42 8.41 1.42
CA ARG A 62 1.56 9.24 2.60
C ARG A 62 0.59 10.40 2.55
N LEU A 63 0.22 10.81 1.33
CA LEU A 63 -0.79 11.83 1.13
C LEU A 63 -2.16 11.20 1.03
N ILE A 64 -2.17 9.88 0.92
CA ILE A 64 -3.41 9.16 0.86
C ILE A 64 -3.83 8.73 2.27
N ILE A 65 -2.94 8.90 3.23
CA ILE A 65 -3.22 8.49 4.60
C ILE A 65 -4.37 9.30 5.19
N LYS A 66 -4.35 10.61 4.98
CA LYS A 66 -5.44 11.46 5.43
C LYS A 66 -6.73 11.11 4.67
N LYS A 67 -6.57 10.29 3.64
CA LYS A 67 -7.71 9.86 2.85
C LYS A 67 -8.26 8.56 3.42
N VAL A 68 -7.34 7.75 3.93
CA VAL A 68 -7.70 6.51 4.58
C VAL A 68 -8.25 6.81 5.96
N GLU A 69 -7.85 7.97 6.48
CA GLU A 69 -8.29 8.40 7.81
C GLU A 69 -9.68 8.99 7.76
N ARG A 70 -10.29 8.97 6.58
CA ARG A 70 -11.68 9.36 6.42
C ARG A 70 -12.59 8.26 6.98
N LYS A 71 -12.67 8.19 8.29
CA LYS A 71 -13.46 7.16 8.96
C LYS A 71 -14.87 7.69 9.23
N ASN A 72 -15.00 9.00 9.17
CA ASN A 72 -16.27 9.67 9.44
C ASN A 72 -16.67 10.49 8.22
N PHE A 73 -17.94 10.87 8.15
CA PHE A 73 -18.41 11.70 7.05
C PHE A 73 -18.18 13.18 7.38
N PHE A 1 22.99 -12.04 -0.97
CA PHE A 1 22.18 -11.80 -2.19
C PHE A 1 20.82 -11.25 -1.79
N PRO A 2 19.99 -10.79 -2.76
CA PRO A 2 18.65 -10.26 -2.51
C PRO A 2 17.86 -11.11 -1.53
N MET A 3 17.85 -12.42 -1.74
CA MET A 3 17.22 -13.32 -0.78
C MET A 3 18.28 -13.94 0.11
N PHE A 4 18.78 -13.15 1.04
CA PHE A 4 19.79 -13.62 1.99
C PHE A 4 19.13 -14.52 3.03
N LYS A 5 18.00 -14.07 3.55
CA LYS A 5 17.20 -14.87 4.48
C LYS A 5 15.74 -14.70 4.14
N ARG A 6 15.14 -15.76 3.57
CA ARG A 6 13.74 -15.75 3.15
C ARG A 6 13.53 -14.84 1.93
N GLY A 7 13.64 -13.54 2.13
CA GLY A 7 13.45 -12.60 1.05
C GLY A 7 13.06 -11.23 1.55
N ARG A 8 13.24 -10.23 0.70
CA ARG A 8 12.91 -8.86 1.05
C ARG A 8 11.42 -8.61 0.83
N CYS A 9 10.82 -7.80 1.70
CA CYS A 9 9.44 -7.37 1.51
C CYS A 9 9.36 -6.41 0.33
N LEU A 10 9.05 -6.95 -0.84
CA LEU A 10 9.02 -6.16 -2.05
C LEU A 10 7.79 -5.27 -2.11
N CYS A 11 8.03 -3.97 -2.05
CA CYS A 11 6.96 -3.00 -2.17
C CYS A 11 7.17 -2.19 -3.44
N ILE A 12 6.24 -2.32 -4.37
CA ILE A 12 6.29 -1.61 -5.62
C ILE A 12 4.87 -1.25 -6.00
N GLY A 13 4.69 -0.29 -6.89
CA GLY A 13 3.35 0.07 -7.31
C GLY A 13 2.80 -0.95 -8.28
N PRO A 14 1.88 -1.77 -7.80
CA PRO A 14 1.28 -2.85 -8.55
C PRO A 14 0.02 -2.39 -9.27
N GLY A 15 0.03 -1.13 -9.66
CA GLY A 15 -1.11 -0.53 -10.31
C GLY A 15 -0.92 0.94 -10.56
N VAL A 16 -1.70 1.76 -9.87
CA VAL A 16 -1.74 3.21 -10.11
C VAL A 16 -2.17 3.90 -8.83
N LYS A 17 -2.64 5.13 -8.94
CA LYS A 17 -3.24 5.82 -7.80
C LYS A 17 -4.40 6.69 -8.29
N ALA A 18 -5.57 6.06 -8.45
CA ALA A 18 -6.77 6.76 -8.91
C ALA A 18 -7.99 5.85 -8.80
N VAL A 19 -8.92 6.21 -7.94
CA VAL A 19 -10.14 5.42 -7.74
C VAL A 19 -11.05 6.16 -6.75
N LYS A 20 -11.95 5.44 -6.08
CA LYS A 20 -12.82 6.02 -5.07
C LYS A 20 -11.99 6.58 -3.92
N VAL A 21 -12.63 7.33 -3.04
CA VAL A 21 -11.95 7.86 -1.87
C VAL A 21 -12.42 7.15 -0.61
N ALA A 22 -11.57 6.25 -0.13
CA ALA A 22 -11.73 5.59 1.16
C ALA A 22 -12.64 4.37 1.08
N ASP A 23 -13.19 4.14 -0.10
CA ASP A 23 -13.89 2.90 -0.40
C ASP A 23 -12.85 1.87 -0.78
N ILE A 24 -12.18 2.19 -1.87
CA ILE A 24 -10.97 1.57 -2.28
C ILE A 24 -9.94 2.64 -2.36
N GLU A 25 -8.71 2.23 -2.47
CA GLU A 25 -7.60 3.09 -2.21
C GLU A 25 -7.67 3.44 -0.74
N LYS A 26 -7.32 2.45 0.05
CA LYS A 26 -7.36 2.52 1.48
C LYS A 26 -6.11 1.90 2.04
N ALA A 27 -5.06 2.71 2.10
CA ALA A 27 -3.78 2.26 2.56
C ALA A 27 -3.69 2.38 4.06
N SER A 28 -3.89 1.26 4.74
CA SER A 28 -3.84 1.25 6.17
C SER A 28 -2.83 0.24 6.69
N ILE A 29 -1.57 0.54 6.48
CA ILE A 29 -0.49 -0.12 7.17
C ILE A 29 0.74 0.76 7.06
N MET A 30 1.61 0.76 8.04
CA MET A 30 2.90 1.41 7.87
C MET A 30 3.94 0.70 8.71
N TYR A 31 4.40 -0.43 8.21
CA TYR A 31 5.43 -1.21 8.85
C TYR A 31 6.27 -1.84 7.77
N PRO A 32 7.49 -2.28 8.07
CA PRO A 32 8.32 -3.05 7.13
C PRO A 32 7.78 -4.46 6.90
N SER A 33 6.48 -4.58 6.63
CA SER A 33 5.80 -5.87 6.51
C SER A 33 5.99 -6.70 7.78
N ASN A 34 6.48 -6.02 8.82
CA ASN A 34 6.80 -6.63 10.09
C ASN A 34 7.79 -7.79 9.93
N ASN A 35 8.64 -7.74 8.91
CA ASN A 35 9.60 -8.80 8.68
C ASN A 35 10.86 -8.23 8.08
N CYS A 36 10.89 -6.92 7.97
CA CYS A 36 11.86 -6.28 7.12
C CYS A 36 12.42 -4.99 7.71
N ASP A 37 13.25 -4.36 6.93
CA ASP A 37 13.81 -3.06 7.25
C ASP A 37 13.28 -2.06 6.25
N LYS A 38 12.24 -2.48 5.55
CA LYS A 38 11.65 -1.69 4.50
C LYS A 38 10.16 -1.72 4.65
N ILE A 39 9.60 -0.55 4.77
CA ILE A 39 8.22 -0.37 5.18
C ILE A 39 7.29 -0.44 3.98
N GLU A 40 6.06 -0.84 4.22
CA GLU A 40 5.12 -1.08 3.17
C GLU A 40 3.75 -0.44 3.48
N VAL A 41 2.96 -0.25 2.45
CA VAL A 41 1.61 0.28 2.58
C VAL A 41 0.66 -0.54 1.72
N ILE A 42 -0.47 -0.94 2.27
CA ILE A 42 -1.38 -1.78 1.52
C ILE A 42 -2.60 -0.99 1.12
N ILE A 43 -2.70 -0.74 -0.16
CA ILE A 43 -3.84 -0.07 -0.72
C ILE A 43 -4.59 -1.03 -1.57
N THR A 44 -5.80 -0.70 -1.82
CA THR A 44 -6.55 -1.38 -2.81
C THR A 44 -7.38 -0.37 -3.58
N LEU A 45 -6.74 0.32 -4.50
CA LEU A 45 -7.39 1.39 -5.23
C LEU A 45 -7.98 0.85 -6.51
N LYS A 46 -9.11 0.21 -6.35
CA LYS A 46 -9.71 -0.50 -7.45
C LYS A 46 -11.20 -0.71 -7.26
N GLU A 47 -11.99 -0.36 -8.26
CA GLU A 47 -13.43 -0.61 -8.24
C GLU A 47 -13.69 -2.13 -8.17
N ASN A 48 -12.80 -2.89 -8.78
CA ASN A 48 -12.86 -4.35 -8.70
C ASN A 48 -11.91 -4.87 -7.62
N LYS A 49 -11.22 -3.94 -6.98
CA LYS A 49 -10.30 -4.22 -5.88
C LYS A 49 -9.01 -4.91 -6.34
N GLY A 50 -7.88 -4.42 -5.86
CA GLY A 50 -6.59 -4.96 -6.21
C GLY A 50 -5.52 -4.42 -5.29
N GLN A 51 -4.33 -5.01 -5.29
CA GLN A 51 -3.30 -4.63 -4.33
C GLN A 51 -2.46 -3.48 -4.82
N ARG A 52 -2.14 -2.59 -3.89
CA ARG A 52 -1.26 -1.49 -4.16
C ARG A 52 -0.31 -1.30 -2.98
N CYS A 53 0.96 -1.06 -3.27
CA CYS A 53 1.91 -0.76 -2.22
C CYS A 53 2.63 0.53 -2.58
N LEU A 54 2.34 1.61 -1.86
CA LEU A 54 2.84 2.93 -2.25
C LEU A 54 4.09 3.33 -1.47
N ASN A 55 5.04 2.41 -1.36
CA ASN A 55 6.35 2.71 -0.80
C ASN A 55 7.46 1.98 -1.57
N PRO A 56 7.60 2.23 -2.89
CA PRO A 56 8.66 1.62 -3.69
C PRO A 56 9.99 2.30 -3.46
N LYS A 57 9.90 3.51 -2.93
CA LYS A 57 11.06 4.32 -2.59
C LYS A 57 10.58 5.58 -1.87
N SER A 58 9.66 6.27 -2.52
CA SER A 58 9.07 7.46 -1.93
C SER A 58 7.96 7.08 -0.97
N LYS A 59 8.01 7.65 0.21
CA LYS A 59 7.00 7.40 1.24
C LYS A 59 5.78 8.29 0.98
N GLN A 60 5.28 8.22 -0.24
CA GLN A 60 4.22 9.12 -0.70
C GLN A 60 2.86 8.64 -0.24
N ALA A 61 2.79 7.40 0.24
CA ALA A 61 1.55 6.84 0.76
C ALA A 61 1.08 7.63 1.96
N ARG A 62 1.99 8.40 2.53
CA ARG A 62 1.69 9.28 3.66
C ARG A 62 0.61 10.29 3.26
N LEU A 63 0.63 10.71 2.00
CA LEU A 63 -0.34 11.68 1.51
C LEU A 63 -1.67 11.00 1.23
N ILE A 64 -1.65 9.68 1.16
CA ILE A 64 -2.87 8.92 1.00
C ILE A 64 -3.43 8.55 2.38
N ILE A 65 -2.61 8.70 3.40
CA ILE A 65 -3.03 8.40 4.76
C ILE A 65 -4.15 9.35 5.17
N LYS A 66 -3.99 10.62 4.82
CA LYS A 66 -5.02 11.61 5.10
C LYS A 66 -6.22 11.41 4.19
N LYS A 67 -6.09 10.48 3.25
CA LYS A 67 -7.17 10.14 2.35
C LYS A 67 -7.95 8.98 2.95
N VAL A 68 -7.19 7.99 3.44
CA VAL A 68 -7.76 6.87 4.15
C VAL A 68 -8.37 7.35 5.45
N GLU A 69 -7.90 8.51 5.91
CA GLU A 69 -8.39 9.14 7.13
C GLU A 69 -9.92 9.28 7.12
N ARG A 70 -10.47 9.45 5.92
CA ARG A 70 -11.91 9.57 5.72
C ARG A 70 -12.64 8.33 6.21
N LYS A 71 -11.97 7.18 6.12
CA LYS A 71 -12.57 5.91 6.53
C LYS A 71 -11.55 5.06 7.28
N ASN A 72 -11.42 5.34 8.57
CA ASN A 72 -10.63 4.49 9.45
C ASN A 72 -11.56 3.49 10.14
N PHE A 73 -12.85 3.82 10.08
CA PHE A 73 -13.91 2.95 10.55
C PHE A 73 -15.24 3.63 10.32
N PHE A 1 -17.17 -12.47 7.09
CA PHE A 1 -15.87 -12.87 7.68
C PHE A 1 -14.76 -12.67 6.68
N PRO A 2 -13.69 -11.95 7.08
CA PRO A 2 -12.59 -11.57 6.19
C PRO A 2 -11.85 -12.77 5.60
N MET A 3 -12.02 -12.97 4.30
CA MET A 3 -11.30 -14.02 3.59
C MET A 3 -10.07 -13.43 2.90
N PHE A 4 -9.00 -14.21 2.86
CA PHE A 4 -7.76 -13.75 2.25
C PHE A 4 -7.05 -14.89 1.53
N LYS A 5 -7.21 -16.11 2.06
CA LYS A 5 -6.57 -17.31 1.51
C LYS A 5 -5.06 -17.12 1.44
N ARG A 6 -4.42 -17.14 2.61
CA ARG A 6 -2.98 -16.95 2.73
C ARG A 6 -2.54 -15.59 2.20
N GLY A 7 -1.24 -15.42 2.05
CA GLY A 7 -0.69 -14.17 1.56
C GLY A 7 0.81 -14.11 1.76
N ARG A 8 1.45 -13.08 1.25
CA ARG A 8 2.89 -12.94 1.37
C ARG A 8 3.30 -11.50 1.16
N CYS A 9 4.50 -11.16 1.64
CA CYS A 9 5.01 -9.80 1.56
C CYS A 9 5.79 -9.58 0.26
N LEU A 10 6.37 -8.38 0.15
CA LEU A 10 7.17 -7.98 -1.02
C LEU A 10 6.26 -7.66 -2.19
N CYS A 11 5.86 -6.41 -2.27
CA CYS A 11 5.00 -5.97 -3.35
C CYS A 11 5.36 -4.53 -3.74
N ILE A 12 5.46 -4.27 -5.03
CA ILE A 12 5.75 -2.94 -5.53
C ILE A 12 5.32 -2.80 -6.98
N GLY A 13 4.79 -1.63 -7.31
CA GLY A 13 4.30 -1.34 -8.64
C GLY A 13 3.27 -2.34 -9.13
N PRO A 14 2.12 -2.33 -8.50
CA PRO A 14 0.98 -3.19 -8.81
C PRO A 14 0.03 -2.52 -9.78
N GLY A 15 0.51 -1.46 -10.38
CA GLY A 15 -0.33 -0.64 -11.24
C GLY A 15 -0.98 0.51 -10.49
N VAL A 16 -1.70 1.35 -11.22
CA VAL A 16 -2.30 2.56 -10.66
C VAL A 16 -3.56 2.87 -11.45
N LYS A 17 -4.36 3.82 -10.96
CA LYS A 17 -5.58 4.20 -11.65
C LYS A 17 -6.24 5.40 -10.99
N ALA A 18 -6.16 5.48 -9.66
CA ALA A 18 -6.82 6.52 -8.87
C ALA A 18 -8.32 6.28 -8.80
N VAL A 19 -8.79 5.90 -7.62
CA VAL A 19 -10.20 5.56 -7.41
C VAL A 19 -10.79 6.29 -6.21
N LYS A 20 -11.80 5.69 -5.60
CA LYS A 20 -12.56 6.34 -4.54
C LYS A 20 -11.76 6.42 -3.26
N VAL A 21 -11.02 7.53 -3.07
CA VAL A 21 -10.18 7.73 -1.89
C VAL A 21 -11.01 7.81 -0.60
N ALA A 22 -11.47 6.64 -0.19
CA ALA A 22 -12.31 6.44 0.99
C ALA A 22 -12.83 5.02 0.93
N ASP A 23 -13.18 4.60 -0.28
CA ASP A 23 -13.67 3.26 -0.53
C ASP A 23 -12.49 2.34 -0.82
N ILE A 24 -11.69 2.73 -1.80
CA ILE A 24 -10.53 1.99 -2.22
C ILE A 24 -9.44 2.96 -2.55
N GLU A 25 -8.23 2.46 -2.51
CA GLU A 25 -7.07 3.29 -2.64
C GLU A 25 -7.03 4.24 -1.45
N LYS A 26 -6.69 3.63 -0.35
CA LYS A 26 -6.43 4.27 0.90
C LYS A 26 -5.46 3.35 1.61
N ALA A 27 -4.30 3.87 1.93
CA ALA A 27 -3.20 3.03 2.40
C ALA A 27 -3.28 2.78 3.88
N SER A 28 -3.64 1.57 4.23
CA SER A 28 -3.85 1.20 5.60
C SER A 28 -2.88 0.13 6.07
N ILE A 29 -1.61 0.46 6.13
CA ILE A 29 -0.66 -0.31 6.89
C ILE A 29 0.61 0.50 7.05
N MET A 30 1.38 0.25 8.09
CA MET A 30 2.77 0.67 8.10
C MET A 30 3.57 -0.28 8.97
N TYR A 31 3.83 -1.45 8.39
CA TYR A 31 4.52 -2.54 9.04
C TYR A 31 5.23 -3.34 7.98
N PRO A 32 6.18 -4.21 8.37
CA PRO A 32 6.83 -5.16 7.44
C PRO A 32 5.83 -6.14 6.80
N SER A 33 4.80 -5.57 6.16
CA SER A 33 3.69 -6.33 5.57
C SER A 33 2.88 -7.00 6.67
N ASN A 34 3.51 -7.96 7.33
CA ASN A 34 2.88 -8.76 8.39
C ASN A 34 3.81 -9.92 8.75
N ASN A 35 4.59 -10.37 7.76
CA ASN A 35 5.44 -11.55 7.95
C ASN A 35 6.73 -11.34 7.16
N CYS A 36 7.29 -10.16 7.29
CA CYS A 36 8.48 -9.78 6.55
C CYS A 36 9.41 -8.95 7.41
N ASP A 37 10.47 -8.47 6.79
CA ASP A 37 11.42 -7.61 7.47
C ASP A 37 11.53 -6.32 6.70
N LYS A 38 10.60 -6.14 5.79
CA LYS A 38 10.53 -4.95 4.97
C LYS A 38 9.15 -4.33 5.14
N ILE A 39 9.14 -3.05 5.41
CA ILE A 39 7.89 -2.38 5.75
C ILE A 39 7.19 -1.87 4.50
N GLU A 40 5.88 -2.09 4.45
CA GLU A 40 5.12 -1.90 3.23
C GLU A 40 3.79 -1.20 3.52
N VAL A 41 3.18 -0.65 2.47
CA VAL A 41 1.88 0.00 2.56
C VAL A 41 0.86 -0.73 1.67
N ILE A 42 -0.41 -0.80 2.11
CA ILE A 42 -1.44 -1.47 1.34
C ILE A 42 -2.53 -0.49 0.97
N ILE A 43 -2.53 -0.08 -0.28
CA ILE A 43 -3.57 0.75 -0.81
C ILE A 43 -4.38 -0.06 -1.77
N THR A 44 -5.60 -0.35 -1.43
CA THR A 44 -6.37 -1.20 -2.28
C THR A 44 -7.14 -0.40 -3.31
N LEU A 45 -6.54 -0.11 -4.43
CA LEU A 45 -7.20 0.67 -5.45
C LEU A 45 -7.97 -0.27 -6.36
N LYS A 46 -9.22 -0.51 -5.99
CA LYS A 46 -10.11 -1.28 -6.85
C LYS A 46 -11.58 -1.00 -6.57
N GLU A 47 -12.20 -1.92 -5.82
CA GLU A 47 -13.61 -1.83 -5.44
C GLU A 47 -13.82 -2.51 -4.09
N ASN A 48 -13.70 -3.84 -4.11
CA ASN A 48 -13.79 -4.65 -2.89
C ASN A 48 -12.42 -5.27 -2.64
N LYS A 49 -11.41 -4.62 -3.19
CA LYS A 49 -10.04 -5.14 -3.21
C LYS A 49 -9.12 -4.04 -3.74
N GLY A 50 -7.83 -4.30 -3.80
CA GLY A 50 -6.93 -3.47 -4.57
C GLY A 50 -5.51 -3.68 -4.12
N GLN A 51 -4.56 -3.26 -4.92
CA GLN A 51 -3.17 -3.36 -4.51
C GLN A 51 -2.38 -2.15 -4.97
N ARG A 52 -1.76 -1.53 -3.98
CA ARG A 52 -0.85 -0.43 -4.16
C ARG A 52 0.17 -0.51 -3.06
N CYS A 53 1.28 -1.13 -3.34
CA CYS A 53 2.24 -1.40 -2.30
C CYS A 53 3.41 -0.44 -2.44
N LEU A 54 3.47 0.53 -1.55
CA LEU A 54 4.50 1.56 -1.61
C LEU A 54 5.39 1.48 -0.38
N ASN A 55 6.70 1.58 -0.60
CA ASN A 55 7.66 1.52 0.49
C ASN A 55 7.80 2.92 1.10
N PRO A 56 8.00 2.98 2.43
CA PRO A 56 8.14 4.25 3.17
C PRO A 56 9.36 5.07 2.76
N LYS A 57 9.72 6.02 3.63
CA LYS A 57 10.75 7.02 3.32
C LYS A 57 10.24 7.97 2.23
N SER A 58 9.65 9.09 2.65
CA SER A 58 9.09 10.07 1.72
C SER A 58 7.99 9.46 0.85
N LYS A 59 7.25 8.51 1.42
CA LYS A 59 6.18 7.83 0.70
C LYS A 59 4.94 8.72 0.59
N GLN A 60 4.31 8.69 -0.58
CA GLN A 60 3.10 9.47 -0.83
C GLN A 60 1.96 8.98 0.04
N ALA A 61 2.14 7.79 0.62
CA ALA A 61 1.13 7.20 1.49
C ALA A 61 0.93 8.04 2.74
N ARG A 62 1.78 9.05 2.91
CA ARG A 62 1.63 10.01 3.99
C ARG A 62 0.30 10.73 3.86
N LEU A 63 0.04 11.22 2.66
CA LEU A 63 -1.20 11.94 2.38
C LEU A 63 -2.31 10.98 2.04
N ILE A 64 -1.95 9.71 1.91
CA ILE A 64 -2.91 8.67 1.65
C ILE A 64 -3.47 8.13 2.97
N ILE A 65 -2.79 8.47 4.06
CA ILE A 65 -3.29 8.15 5.39
C ILE A 65 -4.51 8.99 5.66
N LYS A 66 -4.49 10.23 5.22
CA LYS A 66 -5.62 11.11 5.37
C LYS A 66 -6.70 10.74 4.36
N LYS A 67 -6.40 9.75 3.54
CA LYS A 67 -7.37 9.21 2.60
C LYS A 67 -8.09 8.06 3.25
N VAL A 68 -7.34 7.28 4.01
CA VAL A 68 -7.93 6.26 4.87
C VAL A 68 -8.74 6.94 5.95
N GLU A 69 -8.27 8.13 6.32
CA GLU A 69 -8.88 8.90 7.38
C GLU A 69 -10.23 9.45 6.95
N ARG A 70 -10.48 9.42 5.64
CA ARG A 70 -11.72 9.93 5.10
C ARG A 70 -12.83 8.89 5.17
N LYS A 71 -13.65 8.99 6.21
CA LYS A 71 -14.83 8.16 6.32
C LYS A 71 -16.08 9.04 6.27
N ASN A 72 -15.87 10.27 5.82
CA ASN A 72 -16.92 11.26 5.76
C ASN A 72 -16.63 12.28 4.66
N PHE A 73 -17.68 12.73 3.98
CA PHE A 73 -17.57 13.76 2.94
C PHE A 73 -16.67 13.32 1.80
N PHE A 1 15.07 -22.91 -10.27
CA PHE A 1 15.91 -21.70 -10.10
C PHE A 1 15.51 -20.95 -8.84
N PRO A 2 16.45 -20.80 -7.89
CA PRO A 2 16.24 -20.02 -6.67
C PRO A 2 16.26 -18.52 -6.94
N MET A 3 16.43 -17.72 -5.90
CA MET A 3 16.48 -16.27 -6.07
C MET A 3 17.44 -15.65 -5.06
N PHE A 4 17.28 -16.04 -3.79
CA PHE A 4 18.09 -15.54 -2.69
C PHE A 4 17.85 -14.06 -2.45
N LYS A 5 16.98 -13.77 -1.47
CA LYS A 5 16.63 -12.40 -1.11
C LYS A 5 15.94 -11.69 -2.26
N ARG A 6 15.87 -10.36 -2.18
CA ARG A 6 15.27 -9.51 -3.21
C ARG A 6 13.75 -9.65 -3.23
N GLY A 7 13.24 -10.86 -3.30
CA GLY A 7 11.81 -11.09 -3.30
C GLY A 7 11.28 -11.33 -1.90
N ARG A 8 11.08 -10.26 -1.16
CA ARG A 8 10.56 -10.34 0.20
C ARG A 8 9.39 -9.37 0.37
N CYS A 9 9.69 -8.09 0.26
CA CYS A 9 8.69 -7.05 0.36
C CYS A 9 8.89 -6.08 -0.80
N LEU A 10 9.30 -6.63 -1.94
CA LEU A 10 9.55 -5.87 -3.16
C LEU A 10 8.30 -5.11 -3.56
N CYS A 11 8.43 -3.80 -3.72
CA CYS A 11 7.29 -2.97 -4.02
C CYS A 11 7.55 -1.97 -5.13
N ILE A 12 6.56 -1.89 -6.00
CA ILE A 12 6.49 -0.89 -7.05
C ILE A 12 5.02 -0.58 -7.22
N GLY A 13 4.66 0.55 -7.81
CA GLY A 13 3.25 0.88 -7.92
C GLY A 13 2.51 -0.04 -8.87
N PRO A 14 1.68 -0.91 -8.31
CA PRO A 14 0.87 -1.89 -9.02
C PRO A 14 -0.58 -1.44 -9.20
N GLY A 15 -0.76 -0.16 -9.51
CA GLY A 15 -2.10 0.38 -9.59
C GLY A 15 -2.15 1.75 -10.26
N VAL A 16 -2.82 2.69 -9.62
CA VAL A 16 -3.04 4.00 -10.21
C VAL A 16 -2.87 5.11 -9.17
N LYS A 17 -3.27 6.32 -9.51
CA LYS A 17 -3.05 7.46 -8.63
C LYS A 17 -4.26 7.76 -7.75
N ALA A 18 -5.45 7.32 -8.17
CA ALA A 18 -6.67 7.60 -7.41
C ALA A 18 -7.88 6.83 -7.92
N VAL A 19 -8.62 6.25 -6.98
CA VAL A 19 -9.95 5.71 -7.24
C VAL A 19 -10.95 6.37 -6.30
N LYS A 20 -11.91 5.61 -5.79
CA LYS A 20 -12.84 6.16 -4.83
C LYS A 20 -12.15 6.25 -3.47
N VAL A 21 -11.70 7.46 -3.14
CA VAL A 21 -10.80 7.72 -2.01
C VAL A 21 -11.49 7.60 -0.65
N ALA A 22 -12.59 6.87 -0.62
CA ALA A 22 -13.30 6.60 0.62
C ALA A 22 -14.02 5.27 0.54
N ASP A 23 -13.62 4.45 -0.43
CA ASP A 23 -14.23 3.15 -0.63
C ASP A 23 -13.15 2.09 -0.74
N ILE A 24 -12.30 2.28 -1.74
CA ILE A 24 -11.19 1.42 -2.01
C ILE A 24 -9.98 2.25 -2.24
N GLU A 25 -8.83 1.62 -2.32
CA GLU A 25 -7.59 2.29 -2.14
C GLU A 25 -7.62 2.89 -0.73
N LYS A 26 -7.45 1.96 0.19
CA LYS A 26 -7.43 2.25 1.60
C LYS A 26 -6.21 1.60 2.21
N ALA A 27 -5.16 2.36 2.28
CA ALA A 27 -3.88 1.87 2.75
C ALA A 27 -3.79 1.93 4.24
N SER A 28 -3.60 0.77 4.83
CA SER A 28 -3.63 0.66 6.26
C SER A 28 -2.69 -0.43 6.78
N ILE A 29 -1.41 -0.15 6.68
CA ILE A 29 -0.38 -0.88 7.40
C ILE A 29 0.87 -0.02 7.41
N MET A 30 1.31 0.41 8.57
CA MET A 30 2.58 1.10 8.62
C MET A 30 3.60 0.19 9.28
N TYR A 31 4.05 -0.76 8.48
CA TYR A 31 4.89 -1.85 8.95
C TYR A 31 5.78 -2.34 7.82
N PRO A 32 6.97 -2.86 8.15
CA PRO A 32 7.87 -3.54 7.19
C PRO A 32 7.33 -4.89 6.72
N SER A 33 6.03 -4.96 6.44
CA SER A 33 5.36 -6.21 6.09
C SER A 33 5.58 -7.27 7.16
N ASN A 34 6.10 -6.83 8.30
CA ASN A 34 6.46 -7.69 9.42
C ASN A 34 7.34 -8.85 8.99
N ASN A 35 8.11 -8.65 7.92
CA ASN A 35 8.99 -9.71 7.42
C ASN A 35 10.27 -9.08 6.93
N CYS A 36 10.34 -7.77 7.07
CA CYS A 36 11.35 -6.98 6.38
C CYS A 36 11.86 -5.86 7.26
N ASP A 37 12.74 -5.06 6.68
CA ASP A 37 13.26 -3.88 7.35
C ASP A 37 12.87 -2.65 6.57
N LYS A 38 11.91 -2.83 5.68
CA LYS A 38 11.42 -1.75 4.85
C LYS A 38 9.93 -1.63 5.11
N ILE A 39 9.48 -0.44 5.33
CA ILE A 39 8.09 -0.23 5.70
C ILE A 39 7.26 0.10 4.47
N GLU A 40 6.06 -0.42 4.41
CA GLU A 40 5.15 -0.12 3.32
C GLU A 40 3.71 -0.19 3.78
N VAL A 41 2.85 0.40 2.98
CA VAL A 41 1.44 0.44 3.28
C VAL A 41 0.68 -0.44 2.27
N ILE A 42 -0.55 -0.86 2.59
CA ILE A 42 -1.28 -1.72 1.67
C ILE A 42 -2.56 -1.05 1.24
N ILE A 43 -2.61 -0.69 -0.01
CA ILE A 43 -3.77 -0.07 -0.59
C ILE A 43 -4.39 -1.01 -1.58
N THR A 44 -5.62 -0.75 -1.93
CA THR A 44 -6.30 -1.56 -2.92
C THR A 44 -7.29 -0.74 -3.73
N LEU A 45 -6.82 -0.19 -4.83
CA LEU A 45 -7.65 0.70 -5.62
C LEU A 45 -8.47 -0.10 -6.60
N LYS A 46 -9.48 -0.73 -6.05
CA LYS A 46 -10.27 -1.68 -6.79
C LYS A 46 -11.66 -1.87 -6.18
N GLU A 47 -11.77 -2.90 -5.36
CA GLU A 47 -13.01 -3.28 -4.69
C GLU A 47 -12.71 -4.42 -3.72
N ASN A 48 -11.67 -4.20 -2.89
CA ASN A 48 -11.08 -5.24 -2.06
C ASN A 48 -10.44 -6.28 -2.97
N LYS A 49 -9.27 -5.94 -3.53
CA LYS A 49 -8.70 -6.76 -4.58
C LYS A 49 -7.27 -6.35 -4.93
N GLY A 50 -7.09 -5.10 -5.33
CA GLY A 50 -5.83 -4.70 -5.92
C GLY A 50 -4.75 -4.48 -4.89
N GLN A 51 -3.52 -4.46 -5.34
CA GLN A 51 -2.42 -4.20 -4.44
C GLN A 51 -1.83 -2.84 -4.72
N ARG A 52 -1.51 -2.17 -3.64
CA ARG A 52 -0.86 -0.89 -3.70
C ARG A 52 0.04 -0.73 -2.49
N CYS A 53 1.30 -1.08 -2.62
CA CYS A 53 2.22 -0.83 -1.54
C CYS A 53 3.13 0.32 -1.93
N LEU A 54 2.62 1.53 -1.76
CA LEU A 54 3.28 2.72 -2.27
C LEU A 54 4.27 3.29 -1.28
N ASN A 55 5.39 2.61 -1.14
CA ASN A 55 6.51 3.14 -0.38
C ASN A 55 7.80 2.41 -0.69
N PRO A 56 8.51 2.84 -1.73
CA PRO A 56 9.86 2.40 -2.00
C PRO A 56 10.86 3.22 -1.19
N LYS A 57 10.42 4.40 -0.76
CA LYS A 57 11.25 5.37 -0.06
C LYS A 57 10.46 6.64 0.26
N SER A 58 10.92 7.39 1.26
CA SER A 58 10.38 8.71 1.64
C SER A 58 8.93 8.66 2.13
N LYS A 59 8.38 7.45 2.24
CA LYS A 59 6.99 7.25 2.66
C LYS A 59 6.03 7.96 1.71
N GLN A 60 5.84 7.39 0.53
CA GLN A 60 4.97 8.00 -0.48
C GLN A 60 3.51 7.68 -0.22
N ALA A 61 3.26 6.82 0.76
CA ALA A 61 1.90 6.53 1.19
C ALA A 61 1.35 7.71 1.98
N ARG A 62 2.20 8.72 2.15
CA ARG A 62 1.83 9.94 2.86
C ARG A 62 0.67 10.64 2.15
N LEU A 63 0.67 10.56 0.82
CA LEU A 63 -0.38 11.17 0.02
C LEU A 63 -1.63 10.32 0.05
N ILE A 64 -1.47 9.08 0.48
CA ILE A 64 -2.59 8.18 0.57
C ILE A 64 -3.22 8.25 1.97
N ILE A 65 -2.52 8.89 2.89
CA ILE A 65 -2.96 9.00 4.26
C ILE A 65 -4.27 9.75 4.34
N LYS A 66 -4.35 10.87 3.64
CA LYS A 66 -5.55 11.68 3.64
C LYS A 66 -6.65 11.02 2.83
N LYS A 67 -6.35 9.85 2.29
CA LYS A 67 -7.36 9.06 1.59
C LYS A 67 -8.03 8.13 2.59
N VAL A 68 -7.21 7.32 3.24
CA VAL A 68 -7.69 6.37 4.22
C VAL A 68 -8.18 7.11 5.45
N GLU A 69 -7.77 8.37 5.56
CA GLU A 69 -8.20 9.25 6.65
C GLU A 69 -9.73 9.38 6.69
N ARG A 70 -10.36 9.25 5.53
CA ARG A 70 -11.80 9.43 5.44
C ARG A 70 -12.56 8.26 6.06
N LYS A 71 -11.95 7.10 6.09
CA LYS A 71 -12.59 5.93 6.66
C LYS A 71 -11.85 5.47 7.90
N ASN A 72 -12.13 6.15 9.00
CA ASN A 72 -11.50 5.84 10.27
C ASN A 72 -12.23 4.69 10.95
N PHE A 73 -11.46 3.74 11.45
CA PHE A 73 -11.99 2.53 12.05
C PHE A 73 -12.15 2.70 13.55
N PHE A 1 32.48 -13.12 3.60
CA PHE A 1 31.15 -13.76 3.74
C PHE A 1 30.14 -13.10 2.81
N PRO A 2 29.43 -13.89 2.01
CA PRO A 2 28.36 -13.40 1.14
C PRO A 2 27.10 -13.05 1.93
N MET A 3 26.93 -11.79 2.26
CA MET A 3 25.78 -11.35 3.04
C MET A 3 24.85 -10.51 2.19
N PHE A 4 23.70 -11.07 1.85
CA PHE A 4 22.75 -10.40 0.99
C PHE A 4 21.31 -10.72 1.42
N LYS A 5 20.51 -9.68 1.57
CA LYS A 5 19.10 -9.84 1.85
C LYS A 5 18.33 -10.08 0.57
N ARG A 6 17.83 -11.29 0.39
CA ARG A 6 17.04 -11.62 -0.79
C ARG A 6 15.78 -10.78 -0.82
N GLY A 7 15.05 -10.75 0.30
CA GLY A 7 13.87 -9.95 0.39
C GLY A 7 12.71 -10.71 1.00
N ARG A 8 12.50 -10.53 2.29
CA ARG A 8 11.34 -11.12 2.97
C ARG A 8 10.13 -10.23 2.78
N CYS A 9 10.37 -9.06 2.19
CA CYS A 9 9.34 -8.05 2.01
C CYS A 9 9.38 -7.53 0.59
N LEU A 10 8.22 -7.48 -0.06
CA LEU A 10 8.16 -7.06 -1.44
C LEU A 10 7.20 -5.89 -1.60
N CYS A 11 7.68 -4.83 -2.23
CA CYS A 11 6.85 -3.69 -2.55
C CYS A 11 7.25 -3.12 -3.90
N ILE A 12 6.40 -3.32 -4.88
CA ILE A 12 6.65 -2.82 -6.22
C ILE A 12 5.87 -1.52 -6.40
N GLY A 13 5.67 -1.05 -7.61
CA GLY A 13 4.88 0.14 -7.80
C GLY A 13 3.59 -0.12 -8.56
N PRO A 14 2.60 -0.63 -7.85
CA PRO A 14 1.25 -0.86 -8.36
C PRO A 14 0.35 0.34 -8.11
N GLY A 15 0.99 1.47 -7.86
CA GLY A 15 0.29 2.70 -7.62
C GLY A 15 -0.16 3.34 -8.91
N VAL A 16 -1.44 3.22 -9.22
CA VAL A 16 -1.93 3.63 -10.52
C VAL A 16 -2.37 5.09 -10.54
N LYS A 17 -3.58 5.36 -10.08
CA LYS A 17 -4.08 6.73 -10.13
C LYS A 17 -4.85 7.07 -8.85
N ALA A 18 -6.16 6.77 -8.83
CA ALA A 18 -7.02 7.14 -7.70
C ALA A 18 -8.44 6.64 -7.94
N VAL A 19 -9.09 6.22 -6.86
CA VAL A 19 -10.48 5.78 -6.91
C VAL A 19 -11.24 6.33 -5.69
N LYS A 20 -12.33 5.65 -5.29
CA LYS A 20 -13.14 6.09 -4.16
C LYS A 20 -12.35 5.98 -2.86
N VAL A 21 -11.88 7.12 -2.36
CA VAL A 21 -10.91 7.18 -1.25
C VAL A 21 -11.50 6.76 0.09
N ALA A 22 -12.65 6.09 0.04
CA ALA A 22 -13.31 5.63 1.25
C ALA A 22 -14.00 4.29 1.00
N ASP A 23 -13.60 3.62 -0.07
CA ASP A 23 -14.16 2.31 -0.41
C ASP A 23 -13.02 1.34 -0.68
N ILE A 24 -12.22 1.72 -1.65
CA ILE A 24 -11.01 1.01 -2.03
C ILE A 24 -10.01 2.03 -2.44
N GLU A 25 -8.77 1.65 -2.38
CA GLU A 25 -7.69 2.59 -2.20
C GLU A 25 -7.78 3.08 -0.78
N LYS A 26 -7.36 2.19 0.09
CA LYS A 26 -7.44 2.35 1.53
C LYS A 26 -6.27 1.60 2.15
N ALA A 27 -5.17 2.29 2.35
CA ALA A 27 -3.96 1.69 2.87
C ALA A 27 -3.96 1.67 4.37
N SER A 28 -4.50 0.61 4.92
CA SER A 28 -4.65 0.49 6.35
C SER A 28 -3.60 -0.42 6.96
N ILE A 29 -2.37 0.05 6.99
CA ILE A 29 -1.35 -0.54 7.82
C ILE A 29 -0.23 0.47 7.99
N MET A 30 0.48 0.41 9.09
CA MET A 30 1.71 1.16 9.22
C MET A 30 2.67 0.41 10.12
N TYR A 31 3.28 -0.62 9.54
CA TYR A 31 4.24 -1.45 10.24
C TYR A 31 5.18 -2.03 9.19
N PRO A 32 6.42 -2.36 9.57
CA PRO A 32 7.35 -3.10 8.70
C PRO A 32 6.86 -4.52 8.37
N SER A 33 5.66 -4.62 7.78
CA SER A 33 5.04 -5.92 7.40
C SER A 33 5.15 -6.97 8.50
N ASN A 34 5.42 -6.53 9.72
CA ASN A 34 5.65 -7.39 10.87
C ASN A 34 6.69 -8.47 10.57
N ASN A 35 7.63 -8.19 9.67
CA ASN A 35 8.66 -9.17 9.32
C ASN A 35 9.81 -8.46 8.64
N CYS A 36 9.81 -7.14 8.79
CA CYS A 36 10.63 -6.29 7.95
C CYS A 36 11.35 -5.24 8.77
N ASP A 37 12.18 -4.47 8.08
CA ASP A 37 12.78 -3.28 8.66
C ASP A 37 12.18 -2.06 8.00
N LYS A 38 11.26 -2.31 7.07
CA LYS A 38 10.69 -1.25 6.28
C LYS A 38 9.19 -1.25 6.41
N ILE A 39 8.64 -0.08 6.52
CA ILE A 39 7.25 0.09 6.90
C ILE A 39 6.35 0.14 5.68
N GLU A 40 5.44 -0.82 5.61
CA GLU A 40 4.63 -0.98 4.43
C GLU A 40 3.22 -0.45 4.65
N VAL A 41 2.57 -0.10 3.57
CA VAL A 41 1.18 0.33 3.59
C VAL A 41 0.43 -0.46 2.52
N ILE A 42 -0.76 -0.96 2.84
CA ILE A 42 -1.42 -1.83 1.89
C ILE A 42 -2.70 -1.21 1.37
N ILE A 43 -2.61 -0.70 0.16
CA ILE A 43 -3.76 -0.12 -0.49
C ILE A 43 -4.31 -1.08 -1.50
N THR A 44 -5.50 -0.78 -1.92
CA THR A 44 -6.06 -1.35 -3.11
C THR A 44 -6.39 -0.20 -4.04
N LEU A 45 -6.71 -0.48 -5.27
CA LEU A 45 -7.42 0.47 -6.10
C LEU A 45 -8.35 -0.34 -6.97
N LYS A 46 -9.57 -0.51 -6.48
CA LYS A 46 -10.39 -1.59 -7.01
C LYS A 46 -11.16 -1.16 -8.25
N GLU A 47 -10.60 -1.58 -9.38
CA GLU A 47 -11.16 -1.32 -10.70
C GLU A 47 -10.25 -1.98 -11.72
N ASN A 48 -9.05 -1.42 -11.85
CA ASN A 48 -8.03 -1.99 -12.72
C ASN A 48 -7.14 -2.93 -11.91
N LYS A 49 -7.08 -2.68 -10.60
CA LYS A 49 -6.16 -3.41 -9.73
C LYS A 49 -6.87 -3.93 -8.49
N GLY A 50 -6.09 -4.56 -7.63
CA GLY A 50 -6.59 -5.04 -6.37
C GLY A 50 -5.62 -4.75 -5.23
N GLN A 51 -4.44 -4.23 -5.57
CA GLN A 51 -3.44 -3.90 -4.57
C GLN A 51 -2.62 -2.68 -4.94
N ARG A 52 -2.19 -1.97 -3.91
CA ARG A 52 -1.30 -0.85 -4.04
C ARG A 52 -0.28 -0.89 -2.92
N CYS A 53 0.99 -0.75 -3.27
CA CYS A 53 2.04 -0.58 -2.28
C CYS A 53 2.86 0.63 -2.69
N LEU A 54 3.02 1.59 -1.78
CA LEU A 54 3.63 2.86 -2.17
C LEU A 54 4.74 3.29 -1.22
N ASN A 55 5.53 2.34 -0.75
CA ASN A 55 6.70 2.69 0.02
C ASN A 55 7.84 1.68 -0.18
N PRO A 56 8.48 1.72 -1.35
CA PRO A 56 9.70 0.95 -1.59
C PRO A 56 10.91 1.64 -0.97
N LYS A 57 10.78 2.95 -0.81
CA LYS A 57 11.83 3.80 -0.26
C LYS A 57 11.37 5.25 -0.32
N SER A 58 10.73 5.61 -1.43
CA SER A 58 10.21 6.94 -1.62
C SER A 58 8.80 7.05 -1.07
N LYS A 59 8.45 8.24 -0.61
CA LYS A 59 7.15 8.48 0.02
C LYS A 59 6.07 8.77 -1.02
N GLN A 60 5.23 7.78 -1.26
CA GLN A 60 4.10 7.93 -2.18
C GLN A 60 2.81 7.60 -1.45
N ALA A 61 2.92 6.72 -0.45
CA ALA A 61 1.80 6.35 0.39
C ALA A 61 1.37 7.52 1.25
N ARG A 62 2.29 8.44 1.47
CA ARG A 62 2.04 9.62 2.27
C ARG A 62 0.89 10.43 1.67
N LEU A 63 0.87 10.47 0.35
CA LEU A 63 -0.19 11.14 -0.40
C LEU A 63 -1.54 10.51 -0.12
N ILE A 64 -1.55 9.20 0.00
CA ILE A 64 -2.80 8.49 0.17
C ILE A 64 -3.16 8.34 1.65
N ILE A 65 -2.28 8.84 2.51
CA ILE A 65 -2.55 8.82 3.94
C ILE A 65 -3.75 9.67 4.24
N LYS A 66 -3.84 10.82 3.58
CA LYS A 66 -4.98 11.70 3.76
C LYS A 66 -6.25 11.09 3.19
N LYS A 67 -6.12 9.94 2.55
CA LYS A 67 -7.29 9.25 2.01
C LYS A 67 -7.80 8.25 3.04
N VAL A 68 -6.88 7.45 3.55
CA VAL A 68 -7.21 6.46 4.56
C VAL A 68 -7.52 7.16 5.87
N GLU A 69 -7.04 8.39 6.00
CA GLU A 69 -7.28 9.18 7.19
C GLU A 69 -8.74 9.60 7.26
N ARG A 70 -9.37 9.65 6.10
CA ARG A 70 -10.78 10.02 5.98
C ARG A 70 -11.67 8.85 6.39
N LYS A 71 -11.12 7.65 6.32
CA LYS A 71 -11.84 6.45 6.70
C LYS A 71 -11.99 6.43 8.23
N ASN A 72 -13.21 6.19 8.70
CA ASN A 72 -13.48 6.24 10.12
C ASN A 72 -13.14 4.91 10.78
N PHE A 73 -13.35 3.83 10.05
CA PHE A 73 -13.02 2.49 10.54
C PHE A 73 -12.30 1.71 9.45
N PHE A 1 -4.04 -21.15 5.02
CA PHE A 1 -4.92 -21.06 3.83
C PHE A 1 -4.09 -20.89 2.57
N PRO A 2 -4.65 -21.24 1.40
CA PRO A 2 -3.96 -21.07 0.11
C PRO A 2 -3.66 -19.60 -0.17
N MET A 3 -2.42 -19.20 0.10
CA MET A 3 -2.01 -17.82 -0.08
C MET A 3 -1.18 -17.65 -1.35
N PHE A 4 -0.56 -18.74 -1.78
CA PHE A 4 0.24 -18.77 -3.01
C PHE A 4 1.43 -17.82 -2.91
N LYS A 5 2.16 -17.67 -4.02
CA LYS A 5 3.33 -16.79 -4.08
C LYS A 5 4.44 -17.27 -3.13
N ARG A 6 5.46 -16.46 -2.96
CA ARG A 6 6.58 -16.80 -2.11
C ARG A 6 6.57 -16.00 -0.81
N GLY A 7 6.51 -16.71 0.31
CA GLY A 7 6.71 -16.08 1.60
C GLY A 7 5.43 -15.87 2.37
N ARG A 8 5.33 -14.70 3.00
CA ARG A 8 4.22 -14.38 3.88
C ARG A 8 3.65 -13.02 3.52
N CYS A 9 4.46 -11.99 3.70
CA CYS A 9 4.08 -10.63 3.36
C CYS A 9 4.96 -10.11 2.22
N LEU A 10 4.45 -10.19 1.00
CA LEU A 10 5.20 -9.77 -0.16
C LEU A 10 4.29 -9.08 -1.18
N CYS A 11 4.48 -7.78 -1.33
CA CYS A 11 3.73 -7.02 -2.31
C CYS A 11 4.63 -5.99 -2.96
N ILE A 12 4.47 -5.77 -4.26
CA ILE A 12 5.24 -4.78 -4.99
C ILE A 12 4.83 -4.76 -6.46
N GLY A 13 4.40 -3.60 -6.94
CA GLY A 13 3.97 -3.49 -8.32
C GLY A 13 2.70 -2.67 -8.47
N PRO A 14 1.58 -3.32 -8.16
CA PRO A 14 0.25 -2.72 -8.16
C PRO A 14 0.23 -1.34 -7.54
N GLY A 15 0.04 -0.35 -8.38
CA GLY A 15 -0.06 1.01 -7.90
C GLY A 15 -0.80 1.91 -8.86
N VAL A 16 -0.74 3.22 -8.56
CA VAL A 16 -1.29 4.31 -9.38
C VAL A 16 -2.79 4.18 -9.61
N LYS A 17 -3.33 5.10 -10.40
CA LYS A 17 -4.75 5.14 -10.73
C LYS A 17 -5.59 5.47 -9.49
N ALA A 18 -5.83 6.75 -9.30
CA ALA A 18 -6.63 7.23 -8.18
C ALA A 18 -8.11 6.93 -8.38
N VAL A 19 -8.77 6.51 -7.30
CA VAL A 19 -10.18 6.16 -7.30
C VAL A 19 -10.86 6.70 -6.04
N LYS A 20 -11.79 5.94 -5.48
CA LYS A 20 -12.47 6.36 -4.26
C LYS A 20 -11.49 6.39 -3.11
N VAL A 21 -11.04 7.59 -2.73
CA VAL A 21 -9.99 7.75 -1.75
C VAL A 21 -10.50 7.57 -0.33
N ALA A 22 -11.34 6.55 -0.17
CA ALA A 22 -11.80 6.10 1.15
C ALA A 22 -12.62 4.83 0.99
N ASP A 23 -12.27 4.06 -0.02
CA ASP A 23 -12.97 2.82 -0.34
C ASP A 23 -11.95 1.80 -0.79
N ILE A 24 -11.37 2.12 -1.92
CA ILE A 24 -10.36 1.33 -2.57
C ILE A 24 -9.41 2.30 -3.22
N GLU A 25 -8.18 1.88 -3.24
CA GLU A 25 -7.08 2.80 -3.12
C GLU A 25 -7.22 3.37 -1.72
N LYS A 26 -6.90 2.50 -0.77
CA LYS A 26 -7.09 2.73 0.64
C LYS A 26 -5.97 2.03 1.38
N ALA A 27 -4.93 2.78 1.67
CA ALA A 27 -3.70 2.24 2.18
C ALA A 27 -3.68 2.12 3.70
N SER A 28 -2.74 1.33 4.13
CA SER A 28 -2.43 1.14 5.53
C SER A 28 -1.41 2.18 5.95
N ILE A 29 -1.17 2.26 7.24
CA ILE A 29 -0.17 3.16 7.74
C ILE A 29 1.17 2.47 7.54
N MET A 30 2.27 3.21 7.58
CA MET A 30 3.53 2.65 7.11
C MET A 30 4.15 1.80 8.19
N TYR A 31 3.71 0.55 8.19
CA TYR A 31 4.09 -0.45 9.15
C TYR A 31 4.08 -1.80 8.45
N PRO A 32 4.74 -2.80 9.03
CA PRO A 32 4.69 -4.17 8.53
C PRO A 32 3.26 -4.64 8.30
N SER A 33 3.13 -5.80 7.67
CA SER A 33 1.87 -6.52 7.63
C SER A 33 1.54 -7.06 9.04
N ASN A 34 2.17 -6.42 10.03
CA ASN A 34 1.96 -6.61 11.46
C ASN A 34 2.67 -7.84 12.00
N ASN A 35 3.27 -8.63 11.13
CA ASN A 35 4.07 -9.77 11.57
C ASN A 35 5.29 -9.87 10.67
N CYS A 36 5.56 -8.78 9.98
CA CYS A 36 6.56 -8.77 8.93
C CYS A 36 7.83 -8.09 9.37
N ASP A 37 7.69 -7.15 10.30
CA ASP A 37 8.80 -6.31 10.76
C ASP A 37 9.43 -5.50 9.62
N LYS A 38 8.82 -5.54 8.45
CA LYS A 38 9.22 -4.65 7.37
C LYS A 38 8.04 -3.72 7.10
N ILE A 39 8.31 -2.46 6.91
CA ILE A 39 7.23 -1.49 6.82
C ILE A 39 6.71 -1.40 5.39
N GLU A 40 5.40 -1.41 5.27
CA GLU A 40 4.75 -1.50 3.97
C GLU A 40 3.43 -0.74 3.98
N VAL A 41 2.94 -0.41 2.80
CA VAL A 41 1.64 0.19 2.68
C VAL A 41 0.73 -0.69 1.83
N ILE A 42 -0.29 -1.25 2.47
CA ILE A 42 -1.24 -2.10 1.78
C ILE A 42 -2.43 -1.28 1.34
N ILE A 43 -2.54 -1.10 0.03
CA ILE A 43 -3.61 -0.36 -0.58
C ILE A 43 -4.40 -1.31 -1.45
N THR A 44 -5.59 -0.92 -1.82
CA THR A 44 -6.40 -1.79 -2.64
C THR A 44 -7.21 -1.00 -3.65
N LEU A 45 -6.68 -0.76 -4.84
CA LEU A 45 -7.42 0.01 -5.82
C LEU A 45 -8.29 -0.95 -6.61
N LYS A 46 -9.57 -0.78 -6.43
CA LYS A 46 -10.52 -1.81 -6.89
C LYS A 46 -11.02 -1.59 -8.33
N GLU A 47 -10.68 -0.47 -8.94
CA GLU A 47 -11.13 -0.23 -10.30
C GLU A 47 -10.17 -0.86 -11.30
N ASN A 48 -10.47 -2.09 -11.69
CA ASN A 48 -9.70 -2.83 -12.71
C ASN A 48 -8.24 -2.96 -12.32
N LYS A 49 -7.99 -3.54 -11.15
CA LYS A 49 -6.64 -3.76 -10.67
C LYS A 49 -6.67 -4.75 -9.52
N GLY A 50 -7.21 -4.33 -8.40
CA GLY A 50 -7.39 -5.21 -7.27
C GLY A 50 -6.72 -4.67 -6.02
N GLN A 51 -5.42 -4.46 -6.10
CA GLN A 51 -4.64 -4.06 -4.93
C GLN A 51 -3.59 -3.04 -5.31
N ARG A 52 -3.08 -2.35 -4.31
CA ARG A 52 -1.96 -1.46 -4.48
C ARG A 52 -0.93 -1.76 -3.40
N CYS A 53 0.34 -1.72 -3.73
CA CYS A 53 1.37 -1.84 -2.72
C CYS A 53 2.45 -0.82 -2.96
N LEU A 54 2.62 0.08 -2.00
CA LEU A 54 3.61 1.13 -2.11
C LEU A 54 4.70 0.92 -1.08
N ASN A 55 5.93 0.81 -1.56
CA ASN A 55 7.09 0.66 -0.68
C ASN A 55 7.50 2.01 -0.12
N PRO A 56 8.11 2.02 1.07
CA PRO A 56 8.52 3.26 1.77
C PRO A 56 9.69 3.97 1.08
N LYS A 57 9.90 3.67 -0.20
CA LYS A 57 10.93 4.35 -0.97
C LYS A 57 10.38 5.70 -1.42
N SER A 58 9.05 5.78 -1.43
CA SER A 58 8.34 7.03 -1.68
C SER A 58 7.13 7.09 -0.77
N LYS A 59 7.25 7.83 0.32
CA LYS A 59 6.18 7.91 1.32
C LYS A 59 5.06 8.85 0.88
N GLN A 60 4.41 8.51 -0.21
CA GLN A 60 3.27 9.27 -0.70
C GLN A 60 1.99 8.78 -0.05
N ALA A 61 1.98 7.51 0.36
CA ALA A 61 0.83 6.95 1.04
C ALA A 61 0.64 7.66 2.38
N ARG A 62 1.68 8.37 2.78
CA ARG A 62 1.66 9.23 3.96
C ARG A 62 0.61 10.31 3.82
N LEU A 63 0.48 10.85 2.62
CA LEU A 63 -0.51 11.89 2.35
C LEU A 63 -1.83 11.26 1.99
N ILE A 64 -1.79 9.96 1.75
CA ILE A 64 -2.98 9.21 1.45
C ILE A 64 -3.60 8.67 2.74
N ILE A 65 -2.89 8.86 3.85
CA ILE A 65 -3.39 8.45 5.15
C ILE A 65 -4.61 9.26 5.52
N LYS A 66 -4.58 10.54 5.20
CA LYS A 66 -5.73 11.39 5.43
C LYS A 66 -6.87 11.04 4.48
N LYS A 67 -6.55 10.16 3.54
CA LYS A 67 -7.54 9.67 2.60
C LYS A 67 -8.15 8.39 3.13
N VAL A 68 -7.29 7.52 3.63
CA VAL A 68 -7.75 6.31 4.27
C VAL A 68 -8.51 6.65 5.55
N GLU A 69 -8.15 7.79 6.12
CA GLU A 69 -8.84 8.29 7.31
C GLU A 69 -10.01 9.18 6.92
N ARG A 70 -10.23 9.33 5.62
CA ARG A 70 -11.34 10.10 5.08
C ARG A 70 -12.60 9.23 5.08
N LYS A 71 -12.82 8.53 6.18
CA LYS A 71 -13.87 7.52 6.30
C LYS A 71 -15.26 8.13 6.10
N ASN A 72 -15.79 7.97 4.90
CA ASN A 72 -17.13 8.43 4.56
C ASN A 72 -17.95 7.28 4.01
N PHE A 73 -17.28 6.16 3.81
CA PHE A 73 -17.92 4.97 3.28
C PHE A 73 -17.55 3.78 4.15
N PHE A 1 9.48 -25.51 -2.69
CA PHE A 1 9.67 -24.05 -2.81
C PHE A 1 9.59 -23.33 -1.45
N PRO A 2 8.50 -23.48 -0.67
CA PRO A 2 8.33 -22.75 0.59
C PRO A 2 9.35 -23.14 1.65
N MET A 3 10.15 -22.16 2.06
CA MET A 3 11.10 -22.34 3.16
C MET A 3 10.47 -21.86 4.46
N PHE A 4 11.21 -21.97 5.56
CA PHE A 4 10.70 -21.56 6.86
C PHE A 4 11.47 -20.35 7.40
N LYS A 5 12.30 -19.77 6.56
CA LYS A 5 13.08 -18.60 6.92
C LYS A 5 13.11 -17.61 5.77
N ARG A 6 13.56 -16.38 6.05
CA ARG A 6 13.68 -15.33 5.06
C ARG A 6 12.32 -14.76 4.67
N GLY A 7 12.34 -13.75 3.81
CA GLY A 7 11.13 -13.12 3.36
C GLY A 7 11.41 -11.75 2.79
N ARG A 8 11.59 -11.69 1.48
CA ARG A 8 11.94 -10.44 0.81
C ARG A 8 10.71 -9.55 0.68
N CYS A 9 10.55 -8.64 1.63
CA CYS A 9 9.45 -7.68 1.62
C CYS A 9 9.58 -6.74 0.44
N LEU A 10 8.70 -6.90 -0.54
CA LEU A 10 8.72 -6.06 -1.72
C LEU A 10 7.46 -6.26 -2.55
N CYS A 11 7.21 -5.30 -3.41
CA CYS A 11 6.16 -5.35 -4.39
C CYS A 11 6.69 -4.60 -5.59
N ILE A 12 5.84 -4.17 -6.48
CA ILE A 12 6.33 -3.51 -7.67
C ILE A 12 5.46 -2.29 -8.02
N GLY A 13 4.64 -1.91 -7.04
CA GLY A 13 3.82 -0.72 -7.15
C GLY A 13 2.87 -0.75 -8.32
N PRO A 14 1.76 -1.44 -8.13
CA PRO A 14 0.68 -1.53 -9.09
C PRO A 14 -0.33 -0.42 -8.89
N GLY A 15 0.16 0.69 -8.36
CA GLY A 15 -0.69 1.82 -8.04
C GLY A 15 -1.26 2.48 -9.26
N VAL A 16 -2.52 2.88 -9.19
CA VAL A 16 -3.18 3.49 -10.34
C VAL A 16 -3.00 5.01 -10.34
N LYS A 17 -3.82 5.70 -9.57
CA LYS A 17 -3.73 7.16 -9.48
C LYS A 17 -4.64 7.70 -8.38
N ALA A 18 -5.95 7.56 -8.60
CA ALA A 18 -6.94 8.03 -7.64
C ALA A 18 -8.28 7.35 -7.91
N VAL A 19 -8.90 6.84 -6.86
CA VAL A 19 -10.16 6.13 -6.98
C VAL A 19 -11.14 6.59 -5.90
N LYS A 20 -12.13 5.76 -5.58
CA LYS A 20 -13.08 6.07 -4.52
C LYS A 20 -12.39 6.05 -3.18
N VAL A 21 -11.93 7.22 -2.74
CA VAL A 21 -11.13 7.34 -1.53
C VAL A 21 -11.92 7.07 -0.26
N ALA A 22 -12.26 5.79 -0.08
CA ALA A 22 -12.86 5.27 1.16
C ALA A 22 -13.31 3.83 0.96
N ASP A 23 -13.62 3.49 -0.28
CA ASP A 23 -14.03 2.14 -0.63
C ASP A 23 -12.79 1.31 -0.91
N ILE A 24 -12.04 1.80 -1.86
CA ILE A 24 -10.76 1.24 -2.25
C ILE A 24 -9.77 2.36 -2.18
N GLU A 25 -8.51 2.02 -2.31
CA GLU A 25 -7.45 2.91 -1.96
C GLU A 25 -7.53 3.13 -0.46
N LYS A 26 -7.14 2.09 0.23
CA LYS A 26 -7.14 2.05 1.67
C LYS A 26 -5.81 1.53 2.16
N ALA A 27 -4.85 2.41 2.23
CA ALA A 27 -3.53 2.06 2.68
C ALA A 27 -3.45 2.15 4.18
N SER A 28 -3.96 1.12 4.84
CA SER A 28 -3.99 1.11 6.28
C SER A 28 -2.94 0.17 6.84
N ILE A 29 -1.70 0.56 6.69
CA ILE A 29 -0.60 -0.05 7.41
C ILE A 29 0.59 0.88 7.39
N MET A 30 1.36 0.91 8.44
CA MET A 30 2.65 1.56 8.41
C MET A 30 3.60 0.88 9.37
N TYR A 31 4.11 -0.25 8.91
CA TYR A 31 5.10 -1.03 9.65
C TYR A 31 6.06 -1.65 8.66
N PRO A 32 7.27 -1.99 9.11
CA PRO A 32 8.28 -2.71 8.32
C PRO A 32 7.84 -4.11 7.87
N SER A 33 6.66 -4.18 7.23
CA SER A 33 6.09 -5.42 6.70
C SER A 33 5.76 -6.41 7.81
N ASN A 34 6.23 -6.12 9.02
CA ASN A 34 6.12 -7.00 10.17
C ASN A 34 6.99 -8.25 9.95
N ASN A 35 7.87 -8.18 8.97
CA ASN A 35 8.75 -9.29 8.66
C ASN A 35 10.10 -8.74 8.28
N CYS A 36 10.24 -7.43 8.46
CA CYS A 36 11.34 -6.70 7.87
C CYS A 36 11.72 -5.48 8.69
N ASP A 37 12.62 -4.68 8.12
CA ASP A 37 13.05 -3.44 8.75
C ASP A 37 12.63 -2.28 7.85
N LYS A 38 11.93 -2.63 6.79
CA LYS A 38 11.51 -1.68 5.79
C LYS A 38 10.00 -1.65 5.78
N ILE A 39 9.44 -0.47 5.70
CA ILE A 39 8.02 -0.28 5.98
C ILE A 39 7.19 -0.45 4.71
N GLU A 40 5.99 -0.97 4.86
CA GLU A 40 5.10 -1.24 3.74
C GLU A 40 3.75 -0.55 3.92
N VAL A 41 3.05 -0.39 2.80
CA VAL A 41 1.71 0.16 2.79
C VAL A 41 0.80 -0.70 1.89
N ILE A 42 -0.34 -1.11 2.44
CA ILE A 42 -1.23 -2.00 1.73
C ILE A 42 -2.46 -1.25 1.27
N ILE A 43 -2.43 -0.80 0.03
CA ILE A 43 -3.58 -0.14 -0.55
C ILE A 43 -4.32 -1.12 -1.40
N THR A 44 -5.52 -0.76 -1.73
CA THR A 44 -6.18 -1.39 -2.83
C THR A 44 -6.96 -0.32 -3.61
N LEU A 45 -6.26 0.47 -4.40
CA LEU A 45 -6.88 1.64 -5.03
C LEU A 45 -7.36 1.28 -6.42
N LYS A 46 -8.44 0.56 -6.43
CA LYS A 46 -9.05 0.12 -7.66
C LYS A 46 -10.49 -0.31 -7.48
N GLU A 47 -10.62 -1.49 -6.89
CA GLU A 47 -11.81 -2.30 -6.94
C GLU A 47 -11.46 -3.60 -6.24
N ASN A 48 -12.07 -4.71 -6.63
CA ASN A 48 -11.65 -6.03 -6.12
C ASN A 48 -10.46 -6.53 -6.92
N LYS A 49 -9.83 -5.61 -7.65
CA LYS A 49 -8.71 -5.89 -8.53
C LYS A 49 -7.51 -6.45 -7.77
N GLY A 50 -7.24 -5.91 -6.59
CA GLY A 50 -6.14 -6.44 -5.79
C GLY A 50 -5.38 -5.37 -5.04
N GLN A 51 -4.21 -5.73 -4.55
CA GLN A 51 -3.46 -4.88 -3.64
C GLN A 51 -2.56 -3.91 -4.36
N ARG A 52 -2.33 -2.79 -3.70
CA ARG A 52 -1.39 -1.80 -4.15
C ARG A 52 -0.36 -1.58 -3.08
N CYS A 53 0.83 -2.11 -3.27
CA CYS A 53 1.87 -1.88 -2.29
C CYS A 53 2.62 -0.61 -2.63
N LEU A 54 2.69 0.30 -1.69
CA LEU A 54 3.52 1.47 -1.86
C LEU A 54 4.90 1.14 -1.33
N ASN A 55 5.83 0.94 -2.26
CA ASN A 55 7.19 0.50 -1.95
C ASN A 55 7.76 1.20 -0.72
N PRO A 56 8.63 0.48 0.03
CA PRO A 56 9.19 0.89 1.34
C PRO A 56 9.52 2.38 1.52
N LYS A 57 9.69 3.11 0.42
CA LYS A 57 9.89 4.55 0.49
C LYS A 57 8.68 5.20 1.15
N SER A 58 7.48 4.75 0.76
CA SER A 58 6.21 5.22 1.32
C SER A 58 6.06 6.75 1.19
N LYS A 59 6.80 7.33 0.25
CA LYS A 59 6.88 8.77 0.10
C LYS A 59 5.52 9.35 -0.32
N GLN A 60 4.83 8.64 -1.21
CA GLN A 60 3.52 9.08 -1.67
C GLN A 60 2.40 8.58 -0.78
N ALA A 61 2.64 7.46 -0.10
CA ALA A 61 1.63 6.89 0.80
C ALA A 61 1.34 7.86 1.92
N ARG A 62 2.28 8.77 2.12
CA ARG A 62 2.14 9.87 3.06
C ARG A 62 0.89 10.70 2.75
N LEU A 63 0.63 10.91 1.47
CA LEU A 63 -0.50 11.71 1.04
C LEU A 63 -1.73 10.82 0.87
N ILE A 64 -1.50 9.53 0.80
CA ILE A 64 -2.59 8.58 0.66
C ILE A 64 -3.20 8.28 2.02
N ILE A 65 -2.49 8.65 3.07
CA ILE A 65 -2.97 8.44 4.42
C ILE A 65 -4.23 9.25 4.68
N LYS A 66 -4.22 10.51 4.27
CA LYS A 66 -5.40 11.34 4.45
C LYS A 66 -6.48 10.93 3.44
N LYS A 67 -6.12 10.00 2.58
CA LYS A 67 -7.05 9.50 1.58
C LYS A 67 -7.80 8.32 2.15
N VAL A 68 -7.17 7.65 3.09
CA VAL A 68 -7.82 6.59 3.85
C VAL A 68 -8.49 7.22 5.07
N GLU A 69 -8.08 8.44 5.36
CA GLU A 69 -8.56 9.17 6.52
C GLU A 69 -9.99 9.68 6.29
N ARG A 70 -10.35 9.87 5.03
CA ARG A 70 -11.66 10.41 4.67
C ARG A 70 -12.78 9.48 5.14
N LYS A 71 -13.41 9.84 6.25
CA LYS A 71 -14.38 8.98 6.89
C LYS A 71 -15.74 9.08 6.22
N ASN A 72 -15.98 8.19 5.27
CA ASN A 72 -17.28 8.11 4.60
C ASN A 72 -18.07 6.98 5.18
N PHE A 73 -17.54 6.40 6.24
CA PHE A 73 -18.18 5.29 6.92
C PHE A 73 -18.52 5.70 8.36
N PHE A 1 27.46 -12.31 -10.39
CA PHE A 1 26.19 -13.04 -10.61
C PHE A 1 25.08 -12.06 -10.96
N PRO A 2 24.14 -12.48 -11.82
CA PRO A 2 23.00 -11.65 -12.19
C PRO A 2 21.99 -11.51 -11.05
N MET A 3 21.75 -10.27 -10.64
CA MET A 3 20.80 -10.00 -9.58
C MET A 3 19.38 -10.27 -10.08
N PHE A 4 18.54 -10.79 -9.21
CA PHE A 4 17.18 -11.13 -9.57
C PHE A 4 16.36 -9.87 -9.77
N LYS A 5 15.60 -9.84 -10.85
CA LYS A 5 14.75 -8.70 -11.17
C LYS A 5 13.66 -8.53 -10.13
N ARG A 6 13.23 -7.28 -9.93
CA ARG A 6 12.26 -6.92 -8.90
C ARG A 6 12.88 -7.10 -7.51
N GLY A 7 12.07 -7.04 -6.47
CA GLY A 7 12.58 -7.24 -5.13
C GLY A 7 12.18 -6.14 -4.17
N ARG A 8 13.12 -5.24 -3.89
CA ARG A 8 12.92 -4.18 -2.90
C ARG A 8 12.64 -4.78 -1.52
N CYS A 9 11.38 -4.73 -1.12
CA CYS A 9 10.95 -5.32 0.14
C CYS A 9 9.70 -6.16 -0.13
N LEU A 10 9.58 -6.57 -1.40
CA LEU A 10 8.43 -7.28 -1.95
C LEU A 10 7.33 -6.31 -2.37
N CYS A 11 6.43 -6.83 -3.22
CA CYS A 11 5.21 -6.16 -3.67
C CYS A 11 5.47 -4.87 -4.45
N ILE A 12 4.79 -4.79 -5.59
CA ILE A 12 4.97 -3.70 -6.54
C ILE A 12 4.13 -4.01 -7.78
N GLY A 13 3.63 -2.98 -8.45
CA GLY A 13 2.81 -3.19 -9.63
C GLY A 13 1.81 -2.09 -9.87
N PRO A 14 0.75 -2.10 -9.07
CA PRO A 14 -0.33 -1.12 -9.14
C PRO A 14 0.18 0.25 -8.75
N GLY A 15 0.54 1.03 -9.76
CA GLY A 15 1.11 2.33 -9.55
C GLY A 15 0.14 3.45 -9.84
N VAL A 16 -0.33 4.10 -8.76
CA VAL A 16 -1.24 5.26 -8.79
C VAL A 16 -2.42 5.14 -9.76
N LYS A 17 -3.59 5.04 -9.18
CA LYS A 17 -4.82 4.97 -9.96
C LYS A 17 -5.82 5.99 -9.43
N ALA A 18 -5.97 6.03 -8.11
CA ALA A 18 -6.89 6.93 -7.44
C ALA A 18 -8.34 6.62 -7.80
N VAL A 19 -8.95 5.78 -6.98
CA VAL A 19 -10.36 5.43 -7.13
C VAL A 19 -11.16 6.08 -6.01
N LYS A 20 -12.18 5.40 -5.51
CA LYS A 20 -12.95 5.90 -4.39
C LYS A 20 -12.06 5.99 -3.15
N VAL A 21 -11.49 7.17 -2.91
CA VAL A 21 -10.39 7.34 -1.96
C VAL A 21 -10.72 6.92 -0.53
N ALA A 22 -12.00 6.79 -0.21
CA ALA A 22 -12.40 6.33 1.11
C ALA A 22 -13.15 5.01 1.01
N ASP A 23 -12.82 4.26 -0.03
CA ASP A 23 -13.41 2.95 -0.26
C ASP A 23 -12.31 1.99 -0.63
N ILE A 24 -11.51 2.41 -1.59
CA ILE A 24 -10.41 1.65 -2.15
C ILE A 24 -9.37 2.61 -2.65
N GLU A 25 -8.18 2.11 -2.86
CA GLU A 25 -7.02 2.96 -2.93
C GLU A 25 -6.94 3.67 -1.58
N LYS A 26 -6.59 2.86 -0.59
CA LYS A 26 -6.47 3.26 0.80
C LYS A 26 -5.34 2.48 1.44
N ALA A 27 -4.20 3.13 1.62
CA ALA A 27 -3.06 2.49 2.26
C ALA A 27 -3.08 2.67 3.77
N SER A 28 -3.14 1.56 4.47
CA SER A 28 -3.16 1.58 5.92
C SER A 28 -2.33 0.47 6.53
N ILE A 29 -1.02 0.62 6.53
CA ILE A 29 -0.15 -0.22 7.33
C ILE A 29 1.16 0.51 7.54
N MET A 30 1.88 0.15 8.59
CA MET A 30 3.21 0.68 8.80
C MET A 30 4.12 -0.42 9.33
N TYR A 31 4.72 -1.16 8.42
CA TYR A 31 5.64 -2.23 8.80
C TYR A 31 6.67 -2.39 7.70
N PRO A 32 7.93 -2.59 8.07
CA PRO A 32 9.06 -2.75 7.13
C PRO A 32 8.97 -4.00 6.25
N SER A 33 7.78 -4.27 5.72
CA SER A 33 7.53 -5.32 4.73
C SER A 33 7.80 -6.72 5.28
N ASN A 34 8.29 -6.77 6.52
CA ASN A 34 8.68 -8.02 7.18
C ASN A 34 9.91 -8.64 6.49
N ASN A 35 10.49 -7.92 5.53
CA ASN A 35 11.68 -8.40 4.84
C ASN A 35 12.60 -7.22 4.65
N CYS A 36 12.39 -6.22 5.49
CA CYS A 36 13.08 -4.96 5.34
C CYS A 36 13.12 -4.20 6.64
N ASP A 37 13.65 -3.00 6.54
CA ASP A 37 13.71 -2.07 7.66
C ASP A 37 12.94 -0.83 7.27
N LYS A 38 12.42 -0.86 6.06
CA LYS A 38 11.64 0.22 5.54
C LYS A 38 10.25 -0.29 5.25
N ILE A 39 9.30 0.58 5.43
CA ILE A 39 7.93 0.16 5.66
C ILE A 39 7.14 -0.02 4.36
N GLU A 40 6.06 -0.77 4.48
CA GLU A 40 5.16 -1.06 3.38
C GLU A 40 3.81 -0.39 3.63
N VAL A 41 3.03 -0.23 2.57
CA VAL A 41 1.65 0.24 2.70
C VAL A 41 0.70 -0.69 1.97
N ILE A 42 -0.42 -1.00 2.61
CA ILE A 42 -1.40 -1.88 2.00
C ILE A 42 -2.53 -1.05 1.46
N ILE A 43 -2.45 -0.74 0.18
CA ILE A 43 -3.49 -0.04 -0.51
C ILE A 43 -4.30 -1.04 -1.25
N THR A 44 -5.47 -0.64 -1.61
CA THR A 44 -6.35 -1.55 -2.27
C THR A 44 -7.08 -0.87 -3.40
N LEU A 45 -6.47 -0.82 -4.57
CA LEU A 45 -7.05 -0.11 -5.66
C LEU A 45 -7.98 -1.08 -6.37
N LYS A 46 -9.26 -0.88 -6.17
CA LYS A 46 -10.22 -1.83 -6.68
C LYS A 46 -10.93 -1.28 -7.91
N GLU A 47 -12.04 -1.91 -8.28
CA GLU A 47 -12.78 -1.57 -9.50
C GLU A 47 -12.03 -2.06 -10.72
N ASN A 48 -10.76 -1.70 -10.81
CA ASN A 48 -9.91 -2.09 -11.92
C ASN A 48 -8.98 -3.23 -11.51
N LYS A 49 -8.54 -3.22 -10.26
CA LYS A 49 -7.56 -4.19 -9.78
C LYS A 49 -7.92 -4.72 -8.40
N GLY A 50 -6.93 -4.88 -7.54
CA GLY A 50 -7.15 -5.50 -6.25
C GLY A 50 -6.46 -4.75 -5.14
N GLN A 51 -5.14 -4.75 -5.16
CA GLN A 51 -4.38 -4.11 -4.10
C GLN A 51 -3.19 -3.37 -4.62
N ARG A 52 -2.70 -2.48 -3.81
CA ARG A 52 -1.47 -1.77 -4.09
C ARG A 52 -0.53 -1.93 -2.93
N CYS A 53 0.39 -2.85 -3.04
CA CYS A 53 1.44 -2.94 -2.05
C CYS A 53 2.70 -2.36 -2.64
N LEU A 54 3.19 -1.29 -2.05
CA LEU A 54 4.34 -0.61 -2.58
C LEU A 54 5.33 -0.31 -1.47
N ASN A 55 6.61 -0.45 -1.78
CA ASN A 55 7.68 -0.06 -0.87
C ASN A 55 8.16 1.34 -1.23
N PRO A 56 7.65 2.36 -0.54
CA PRO A 56 7.94 3.75 -0.83
C PRO A 56 9.03 4.34 0.05
N LYS A 57 10.02 4.96 -0.59
CA LYS A 57 11.08 5.64 0.13
C LYS A 57 10.60 7.03 0.55
N SER A 58 9.69 7.58 -0.24
CA SER A 58 9.10 8.88 0.06
C SER A 58 7.75 8.72 0.74
N LYS A 59 7.39 7.47 1.05
CA LYS A 59 6.10 7.13 1.64
C LYS A 59 4.97 7.34 0.63
N GLN A 60 4.69 8.60 0.32
CA GLN A 60 3.68 8.99 -0.69
C GLN A 60 2.26 8.67 -0.25
N ALA A 61 2.09 7.56 0.47
CA ALA A 61 0.82 7.23 1.07
C ALA A 61 0.51 8.23 2.19
N ARG A 62 1.45 9.13 2.41
CA ARG A 62 1.28 10.24 3.33
C ARG A 62 0.14 11.13 2.85
N LEU A 63 0.06 11.32 1.54
CA LEU A 63 -0.98 12.12 0.93
C LEU A 63 -2.27 11.33 0.83
N ILE A 64 -2.14 10.02 0.90
CA ILE A 64 -3.30 9.15 0.89
C ILE A 64 -3.78 8.90 2.31
N ILE A 65 -2.98 9.31 3.29
CA ILE A 65 -3.32 9.11 4.68
C ILE A 65 -4.57 9.90 5.03
N LYS A 66 -4.67 11.10 4.49
CA LYS A 66 -5.84 11.93 4.72
C LYS A 66 -6.96 11.51 3.78
N LYS A 67 -6.67 10.54 2.94
CA LYS A 67 -7.67 9.99 2.03
C LYS A 67 -8.31 8.79 2.71
N VAL A 68 -7.45 7.92 3.24
CA VAL A 68 -7.90 6.77 4.00
C VAL A 68 -8.57 7.23 5.28
N GLU A 69 -8.10 8.35 5.81
CA GLU A 69 -8.61 8.87 7.07
C GLU A 69 -10.05 9.38 6.90
N ARG A 70 -10.48 9.52 5.66
CA ARG A 70 -11.85 9.94 5.37
C ARG A 70 -12.83 8.81 5.68
N LYS A 71 -12.30 7.61 5.87
CA LYS A 71 -13.11 6.45 6.14
C LYS A 71 -12.63 5.74 7.40
N ASN A 72 -13.56 5.37 8.27
CA ASN A 72 -13.23 4.60 9.46
C ASN A 72 -13.19 3.11 9.14
N PHE A 73 -13.35 2.79 7.87
CA PHE A 73 -13.31 1.42 7.42
C PHE A 73 -12.14 1.25 6.45
#